data_6BXO
#
_entry.id   6BXO
#
_cell.length_a   31.442
_cell.length_b   128.031
_cell.length_c   141.925
_cell.angle_alpha   90.000
_cell.angle_beta   90.000
_cell.angle_gamma   90.000
#
_symmetry.space_group_name_H-M   'P 21 21 21'
#
loop_
_entity.id
_entity.type
_entity.pdbx_description
1 polymer 'Diphthamide biosynthesis enzyme Dph2'
2 non-polymer 'IRON/SULFUR CLUSTER'
3 non-polymer S-ADENOSYL-L-HOMOCYSTEINE
4 water water
#
_entity_poly.entity_id   1
_entity_poly.type   'polypeptide(L)'
_entity_poly.pdbx_seq_one_letter_code
;GSHMSEQFDFDLERILKTIKDKNCKKVGLQFPEGLKRQAINIAREIEEKTRANVIISGNPCFGACDIDTILAGSVDILFH
FGHAGMGEYENVVFIEARSNIDIIPAVKTALNLLKANRIGLITTVQHVHKLEEACKVIKEYGKECVIGKGDPRAIYPGQV
LGCNFTAARVDCEEFIYIGSGIFHPLGVAIATKKRVIAADPFLNQAVEVSPERFLRKRGGYIAKATGAKIFGIIVSTKSG
QYRMKLAQKLKEIADKHGKIGYIILMDLVTPEQLLAFKADAYVNTACPRITIDDAERFHAPVLTPQEFEIVLGERRWENM
EMDEMIQ
;
_entity_poly.pdbx_strand_id   A,B
#
# COMPACT_ATOMS: atom_id res chain seq x y z
N GLU A 6 -23.91 5.66 14.68
CA GLU A 6 -24.35 6.78 13.84
C GLU A 6 -23.47 8.00 14.04
N GLN A 7 -23.17 8.32 15.30
CA GLN A 7 -22.18 9.32 15.66
C GLN A 7 -21.10 8.69 16.54
N PHE A 8 -19.92 9.30 16.52
CA PHE A 8 -18.80 8.83 17.32
C PHE A 8 -18.24 9.99 18.14
N ASP A 9 -17.70 9.66 19.32
CA ASP A 9 -17.25 10.65 20.28
C ASP A 9 -15.73 10.77 20.18
N PHE A 10 -15.26 11.85 19.57
CA PHE A 10 -13.86 12.22 19.66
C PHE A 10 -13.67 13.10 20.89
N ASP A 11 -12.56 12.88 21.59
CA ASP A 11 -12.24 13.63 22.79
C ASP A 11 -11.56 14.96 22.44
N LEU A 12 -12.22 15.78 21.61
CA LEU A 12 -11.49 16.85 20.94
C LEU A 12 -10.95 17.88 21.93
N GLU A 13 -11.78 18.30 22.88
CA GLU A 13 -11.31 19.26 23.87
C GLU A 13 -10.13 18.69 24.65
N ARG A 14 -10.13 17.39 24.93
CA ARG A 14 -8.99 16.77 25.60
C ARG A 14 -7.76 16.74 24.70
N ILE A 15 -7.94 16.50 23.41
CA ILE A 15 -6.80 16.50 22.50
C ILE A 15 -6.16 17.88 22.47
N LEU A 16 -6.98 18.92 22.41
CA LEU A 16 -6.43 20.29 22.40
C LEU A 16 -5.69 20.56 23.68
N LYS A 17 -6.25 20.15 24.81
CA LYS A 17 -5.57 20.36 26.09
C LYS A 17 -4.23 19.64 26.12
N THR A 18 -4.20 18.39 25.65
CA THR A 18 -2.97 17.62 25.62
C THR A 18 -1.90 18.30 24.77
N ILE A 19 -2.29 18.79 23.59
CA ILE A 19 -1.33 19.47 22.72
C ILE A 19 -0.82 20.73 23.40
N LYS A 20 -1.74 21.56 23.93
CA LYS A 20 -1.30 22.80 24.59
C LYS A 20 -0.53 22.51 25.86
N ASP A 21 -0.96 21.49 26.62
CA ASP A 21 -0.24 21.12 27.84
C ASP A 21 1.18 20.66 27.52
N LYS A 22 1.32 19.69 26.63
CA LYS A 22 2.64 19.19 26.28
C LYS A 22 3.40 20.12 25.34
N ASN A 23 2.77 21.21 24.88
CA ASN A 23 3.40 22.19 24.00
C ASN A 23 3.88 21.55 22.70
N CYS A 24 3.15 20.55 22.22
CA CYS A 24 3.48 19.89 20.97
C CYS A 24 3.61 20.89 19.83
N LYS A 25 4.63 20.72 19.01
CA LYS A 25 4.72 21.55 17.82
C LYS A 25 4.33 20.80 16.56
N LYS A 26 4.46 19.48 16.57
CA LYS A 26 4.14 18.63 15.44
C LYS A 26 3.27 17.48 15.92
N VAL A 27 2.10 17.32 15.29
CA VAL A 27 1.05 16.42 15.74
C VAL A 27 0.63 15.55 14.56
N GLY A 28 0.60 14.24 14.74
CA GLY A 28 0.09 13.33 13.73
C GLY A 28 -1.33 12.87 14.04
N LEU A 29 -2.11 12.56 12.99
CA LEU A 29 -3.46 12.04 13.12
C LEU A 29 -3.61 10.81 12.24
N GLN A 30 -4.17 9.73 12.83
CA GLN A 30 -4.40 8.49 12.09
C GLN A 30 -5.85 8.02 12.30
N PHE A 31 -6.59 7.75 11.21
CA PHE A 31 -8.02 7.42 11.28
C PHE A 31 -8.32 6.12 10.52
N PRO A 32 -9.17 5.25 11.05
CA PRO A 32 -9.72 4.17 10.20
C PRO A 32 -10.60 4.76 9.09
N GLU A 33 -10.92 3.94 8.07
CA GLU A 33 -11.48 4.53 6.85
C GLU A 33 -12.76 5.28 7.12
N GLY A 34 -13.60 4.76 8.02
CA GLY A 34 -14.87 5.39 8.31
C GLY A 34 -14.77 6.74 8.99
N LEU A 35 -13.61 7.08 9.54
CA LEU A 35 -13.45 8.33 10.27
C LEU A 35 -12.58 9.34 9.54
N LYS A 36 -12.00 8.95 8.40
CA LYS A 36 -11.16 9.89 7.65
C LYS A 36 -11.94 11.10 7.18
N ARG A 37 -13.26 10.96 7.05
N ARG A 37 -13.26 10.98 7.05
CA ARG A 37 -14.12 12.09 6.70
CA ARG A 37 -14.10 12.11 6.70
C ARG A 37 -14.02 13.23 7.71
C ARG A 37 -14.01 13.25 7.71
N GLN A 38 -13.50 12.98 8.90
CA GLN A 38 -13.36 14.01 9.94
C GLN A 38 -11.93 14.54 10.08
N ALA A 39 -11.00 14.03 9.28
CA ALA A 39 -9.57 14.34 9.48
C ALA A 39 -9.29 15.81 9.30
N ILE A 40 -9.80 16.41 8.21
CA ILE A 40 -9.52 17.81 7.92
C ILE A 40 -10.14 18.72 8.98
N ASN A 41 -11.39 18.44 9.35
CA ASN A 41 -12.05 19.22 10.39
C ASN A 41 -11.25 19.22 11.67
N ILE A 42 -10.70 18.05 12.03
CA ILE A 42 -9.94 17.95 13.27
C ILE A 42 -8.58 18.64 13.11
N ALA A 43 -7.92 18.43 11.98
CA ALA A 43 -6.70 19.19 11.69
C ALA A 43 -6.94 20.70 11.81
N ARG A 44 -8.07 21.17 11.27
CA ARG A 44 -8.37 22.61 11.33
C ARG A 44 -8.47 23.10 12.76
N GLU A 45 -9.20 22.36 13.61
CA GLU A 45 -9.34 22.77 15.00
C GLU A 45 -7.98 22.85 15.68
N ILE A 46 -7.13 21.84 15.46
CA ILE A 46 -5.83 21.82 16.10
C ILE A 46 -4.99 23.00 15.64
N GLU A 47 -4.98 23.28 14.33
CA GLU A 47 -4.09 24.32 13.83
C GLU A 47 -4.62 25.71 14.18
N GLU A 48 -5.94 25.87 14.30
CA GLU A 48 -6.51 27.17 14.63
C GLU A 48 -6.46 27.48 16.12
N LYS A 49 -6.49 26.46 16.97
CA LYS A 49 -6.61 26.63 18.40
C LYS A 49 -5.34 26.30 19.17
N THR A 50 -4.33 25.77 18.50
CA THR A 50 -3.04 25.50 19.08
C THR A 50 -1.98 25.99 18.11
N ARG A 51 -0.73 25.96 18.56
N ARG A 51 -0.73 25.96 18.56
CA ARG A 51 0.38 26.36 17.71
CA ARG A 51 0.40 26.36 17.74
C ARG A 51 1.07 25.16 17.06
C ARG A 51 1.05 25.17 17.03
N ALA A 52 0.46 23.98 17.16
CA ALA A 52 0.99 22.81 16.49
C ALA A 52 0.57 22.80 15.02
N ASN A 53 1.43 22.24 14.17
N ASN A 53 1.42 22.23 14.17
CA ASN A 53 1.05 21.92 12.81
CA ASN A 53 1.06 21.92 12.81
C ASN A 53 0.83 20.41 12.72
C ASN A 53 0.85 20.41 12.70
N VAL A 54 -0.04 20.02 11.81
CA VAL A 54 -0.59 18.67 11.79
C VAL A 54 -0.10 17.94 10.55
N ILE A 55 0.20 16.64 10.70
CA ILE A 55 0.37 15.75 9.56
C ILE A 55 -0.69 14.67 9.69
N ILE A 56 -1.50 14.50 8.63
CA ILE A 56 -2.52 13.43 8.60
C ILE A 56 -1.96 12.20 7.90
N SER A 57 -2.16 11.01 8.50
CA SER A 57 -1.76 9.79 7.80
C SER A 57 -2.75 9.50 6.69
N GLY A 58 -2.23 9.31 5.48
CA GLY A 58 -3.09 9.08 4.33
C GLY A 58 -3.29 7.62 3.96
N ASN A 59 -2.63 6.70 4.66
CA ASN A 59 -2.71 5.29 4.35
C ASN A 59 -4.01 4.69 4.88
N PRO A 60 -4.49 3.61 4.28
CA PRO A 60 -5.54 2.80 4.91
C PRO A 60 -5.09 2.43 6.32
N CYS A 61 -6.05 2.35 7.24
CA CYS A 61 -5.76 1.95 8.62
C CYS A 61 -6.88 1.05 9.09
N PHE A 62 -6.55 -0.21 9.41
CA PHE A 62 -7.60 -1.18 9.70
C PHE A 62 -7.81 -1.45 11.17
N GLY A 63 -6.92 -0.96 12.04
CA GLY A 63 -7.07 -1.25 13.45
C GLY A 63 -5.88 -0.75 14.25
N ALA A 64 -5.93 -1.04 15.55
CA ALA A 64 -4.78 -0.77 16.38
C ALA A 64 -3.61 -1.70 16.07
N CYS A 65 -3.84 -2.71 15.22
CA CYS A 65 -2.81 -3.54 14.62
C CYS A 65 -2.09 -2.84 13.50
N ASP A 66 -2.46 -1.59 13.18
CA ASP A 66 -2.02 -0.95 11.96
C ASP A 66 -1.60 0.50 12.29
N ILE A 67 -0.61 0.63 13.16
CA ILE A 67 -0.13 1.96 13.57
C ILE A 67 0.79 2.51 12.48
N ASP A 68 0.63 3.80 12.16
CA ASP A 68 1.56 4.46 11.22
C ASP A 68 2.81 4.83 11.99
N THR A 69 3.74 3.86 12.11
CA THR A 69 4.94 4.11 12.90
C THR A 69 5.91 5.06 12.20
N ILE A 70 5.88 5.15 10.87
CA ILE A 70 6.74 6.16 10.24
C ILE A 70 6.29 7.55 10.63
N LEU A 71 4.97 7.79 10.59
CA LEU A 71 4.45 9.08 11.04
C LEU A 71 4.75 9.30 12.52
N ALA A 72 4.51 8.29 13.36
CA ALA A 72 4.78 8.48 14.79
C ALA A 72 6.24 8.89 15.04
N GLY A 73 7.18 8.32 14.27
CA GLY A 73 8.58 8.68 14.43
C GLY A 73 8.93 10.07 13.94
N SER A 74 8.00 10.75 13.26
CA SER A 74 8.19 12.10 12.73
C SER A 74 7.45 13.20 13.48
N VAL A 75 6.69 12.89 14.53
CA VAL A 75 5.89 13.89 15.23
C VAL A 75 6.16 13.77 16.73
N ASP A 76 5.68 14.77 17.48
CA ASP A 76 5.75 14.70 18.93
C ASP A 76 4.73 13.70 19.48
N ILE A 77 3.50 13.75 18.98
CA ILE A 77 2.46 12.82 19.41
C ILE A 77 1.64 12.41 18.18
N LEU A 78 1.33 11.12 18.08
CA LEU A 78 0.38 10.63 17.09
C LEU A 78 -0.92 10.26 17.79
N PHE A 79 -2.01 10.90 17.40
CA PHE A 79 -3.35 10.51 17.87
C PHE A 79 -3.96 9.51 16.89
N HIS A 80 -4.27 8.31 17.39
CA HIS A 80 -4.80 7.22 16.59
C HIS A 80 -6.24 7.00 17.06
N PHE A 81 -7.21 7.07 16.13
CA PHE A 81 -8.63 7.13 16.45
C PHE A 81 -9.32 5.81 16.11
N GLY A 82 -10.48 5.61 16.71
CA GLY A 82 -11.37 4.54 16.30
C GLY A 82 -11.11 3.19 16.93
N HIS A 83 -9.98 3.00 17.59
CA HIS A 83 -9.55 1.68 18.03
C HIS A 83 -9.09 1.76 19.48
N ALA A 84 -9.23 0.63 20.17
CA ALA A 84 -8.63 0.49 21.49
C ALA A 84 -7.15 0.24 21.33
N GLY A 85 -6.36 0.75 22.27
CA GLY A 85 -4.92 0.66 22.14
C GLY A 85 -4.43 -0.77 22.04
N MET A 86 -3.29 -0.92 21.37
CA MET A 86 -2.61 -2.20 21.19
C MET A 86 -1.11 -1.93 21.25
N GLY A 87 -0.36 -2.91 21.78
CA GLY A 87 1.06 -2.71 21.93
C GLY A 87 1.39 -1.65 22.97
N GLU A 88 2.58 -1.06 22.82
CA GLU A 88 3.05 -0.03 23.76
C GLU A 88 4.06 0.85 23.00
N TYR A 89 3.56 1.94 22.43
CA TYR A 89 4.37 2.86 21.65
C TYR A 89 4.62 4.14 22.44
N GLU A 90 5.81 4.72 22.25
CA GLU A 90 6.26 5.82 23.09
C GLU A 90 5.32 7.02 22.99
N ASN A 91 4.92 7.41 21.78
CA ASN A 91 4.23 8.67 21.60
C ASN A 91 2.92 8.52 20.84
N VAL A 92 2.25 7.37 20.98
CA VAL A 92 0.98 7.13 20.32
C VAL A 92 -0.12 7.19 21.38
N VAL A 93 -1.11 8.04 21.13
CA VAL A 93 -2.24 8.21 22.05
C VAL A 93 -3.49 7.67 21.36
N PHE A 94 -4.20 6.76 22.02
CA PHE A 94 -5.36 6.11 21.44
C PHE A 94 -6.64 6.81 21.88
N ILE A 95 -7.43 7.27 20.90
CA ILE A 95 -8.67 8.02 21.13
C ILE A 95 -9.81 7.09 20.74
N GLU A 96 -10.64 6.72 21.73
CA GLU A 96 -11.54 5.58 21.59
C GLU A 96 -12.50 5.74 20.42
N ALA A 97 -13.23 6.86 20.38
CA ALA A 97 -14.34 7.06 19.45
C ALA A 97 -15.44 6.01 19.66
N ARG A 98 -15.99 6.01 20.88
N ARG A 98 -15.98 6.00 20.88
CA ARG A 98 -17.05 5.07 21.22
CA ARG A 98 -17.07 5.08 21.22
C ARG A 98 -18.36 5.47 20.52
C ARG A 98 -18.33 5.48 20.45
N SER A 99 -19.14 4.46 20.14
CA SER A 99 -20.41 4.71 19.46
C SER A 99 -21.49 5.00 20.48
N ASN A 100 -22.43 5.86 20.08
CA ASN A 100 -23.51 6.28 20.98
C ASN A 100 -24.82 5.54 20.73
N ILE A 101 -24.86 4.61 19.78
CA ILE A 101 -26.11 3.93 19.47
C ILE A 101 -26.54 3.09 20.66
N ASP A 102 -27.85 3.10 20.93
CA ASP A 102 -28.44 2.34 22.03
C ASP A 102 -28.51 0.86 21.64
N ILE A 103 -27.88 0.00 22.45
CA ILE A 103 -27.90 -1.44 22.16
C ILE A 103 -28.98 -2.20 22.92
N ILE A 104 -29.66 -1.55 23.88
CA ILE A 104 -30.66 -2.25 24.68
C ILE A 104 -31.81 -2.81 23.85
N PRO A 105 -32.34 -2.11 22.82
CA PRO A 105 -33.42 -2.71 22.04
C PRO A 105 -33.01 -4.00 21.34
N ALA A 106 -31.79 -4.05 20.78
CA ALA A 106 -31.36 -5.25 20.08
C ALA A 106 -31.18 -6.42 21.04
N VAL A 107 -30.70 -6.13 22.26
CA VAL A 107 -30.51 -7.17 23.25
C VAL A 107 -31.85 -7.79 23.65
N LYS A 108 -32.84 -6.95 23.93
CA LYS A 108 -34.17 -7.47 24.24
C LYS A 108 -34.71 -8.29 23.08
N THR A 109 -34.44 -7.85 21.85
CA THR A 109 -34.87 -8.59 20.67
C THR A 109 -34.27 -9.99 20.62
N ALA A 110 -33.05 -10.15 21.13
CA ALA A 110 -32.39 -11.45 21.10
C ALA A 110 -32.86 -12.36 22.23
N LEU A 111 -33.52 -11.82 23.24
CA LEU A 111 -33.86 -12.60 24.43
C LEU A 111 -34.67 -13.84 24.07
N ASN A 112 -35.58 -13.72 23.10
CA ASN A 112 -36.45 -14.84 22.75
C ASN A 112 -35.78 -15.83 21.79
N LEU A 113 -34.47 -15.73 21.61
CA LEU A 113 -33.72 -16.74 20.89
C LEU A 113 -32.78 -17.51 21.81
N LEU A 114 -32.79 -17.21 23.11
CA LEU A 114 -31.91 -17.87 24.05
C LEU A 114 -32.52 -19.19 24.52
N LYS A 115 -31.73 -20.26 24.47
CA LYS A 115 -32.15 -21.56 24.99
C LYS A 115 -31.58 -21.86 26.37
N ALA A 116 -30.32 -21.52 26.59
CA ALA A 116 -29.62 -21.84 27.82
C ALA A 116 -29.88 -20.76 28.87
N ASN A 117 -29.29 -20.93 30.05
CA ASN A 117 -29.49 -20.00 31.16
C ASN A 117 -28.26 -19.19 31.53
N ARG A 118 -27.06 -19.61 31.14
CA ARG A 118 -25.83 -18.86 31.37
C ARG A 118 -25.42 -18.21 30.05
N ILE A 119 -25.56 -16.89 29.96
CA ILE A 119 -25.38 -16.15 28.72
C ILE A 119 -24.12 -15.31 28.81
N GLY A 120 -23.34 -15.32 27.73
CA GLY A 120 -22.19 -14.44 27.59
C GLY A 120 -22.45 -13.38 26.54
N LEU A 121 -21.85 -12.21 26.75
CA LEU A 121 -21.97 -11.05 25.86
C LEU A 121 -20.60 -10.67 25.33
N ILE A 122 -20.52 -10.44 24.03
CA ILE A 122 -19.32 -9.87 23.42
C ILE A 122 -19.77 -8.81 22.43
N THR A 123 -18.86 -7.89 22.14
CA THR A 123 -19.11 -6.84 21.17
C THR A 123 -17.74 -6.35 20.70
N THR A 124 -17.76 -5.37 19.80
CA THR A 124 -16.55 -4.72 19.35
C THR A 124 -16.32 -3.46 20.17
N VAL A 125 -15.18 -2.80 19.95
CA VAL A 125 -14.74 -1.78 20.91
C VAL A 125 -15.71 -0.60 20.96
N GLN A 126 -16.40 -0.30 19.86
CA GLN A 126 -17.24 0.90 19.88
C GLN A 126 -18.47 0.74 20.75
N HIS A 127 -18.71 -0.45 21.31
CA HIS A 127 -19.86 -0.65 22.18
C HIS A 127 -19.50 -1.22 23.56
N VAL A 128 -18.21 -1.37 23.90
CA VAL A 128 -17.89 -2.12 25.12
C VAL A 128 -18.31 -1.38 26.37
N HIS A 129 -18.48 -0.07 26.31
CA HIS A 129 -18.94 0.68 27.46
C HIS A 129 -20.41 0.46 27.77
N LYS A 130 -21.16 -0.21 26.89
CA LYS A 130 -22.59 -0.41 27.09
C LYS A 130 -22.93 -1.84 27.52
N LEU A 131 -21.94 -2.72 27.67
CA LEU A 131 -22.20 -4.11 28.01
C LEU A 131 -22.72 -4.26 29.44
N GLU A 132 -22.28 -3.40 30.36
CA GLU A 132 -22.70 -3.51 31.75
C GLU A 132 -24.22 -3.41 31.89
N GLU A 133 -24.82 -2.40 31.26
CA GLU A 133 -26.27 -2.25 31.36
C GLU A 133 -27.01 -3.36 30.62
N ALA A 134 -26.41 -3.89 29.54
CA ALA A 134 -26.99 -5.06 28.89
C ALA A 134 -26.98 -6.28 29.82
N CYS A 135 -25.90 -6.45 30.59
N CYS A 135 -25.90 -6.45 30.59
CA CYS A 135 -25.83 -7.56 31.53
CA CYS A 135 -25.84 -7.57 31.53
C CYS A 135 -26.91 -7.42 32.61
C CYS A 135 -26.89 -7.43 32.63
N LYS A 136 -27.21 -6.20 33.03
CA LYS A 136 -28.27 -5.99 34.01
C LYS A 136 -29.62 -6.42 33.44
N VAL A 137 -29.86 -6.14 32.16
CA VAL A 137 -31.14 -6.48 31.54
C VAL A 137 -31.31 -8.00 31.47
N ILE A 138 -30.27 -8.73 31.09
CA ILE A 138 -30.40 -10.17 30.95
C ILE A 138 -30.58 -10.85 32.30
N LYS A 139 -29.94 -10.32 33.35
CA LYS A 139 -30.15 -10.86 34.68
C LYS A 139 -31.55 -10.56 35.19
N GLU A 140 -32.15 -9.45 34.74
CA GLU A 140 -33.52 -9.14 35.11
C GLU A 140 -34.52 -10.03 34.39
N TYR A 141 -34.14 -10.60 33.25
CA TYR A 141 -34.96 -11.55 32.51
C TYR A 141 -34.81 -12.98 33.02
N GLY A 142 -34.11 -13.17 34.14
CA GLY A 142 -33.98 -14.46 34.77
C GLY A 142 -32.71 -15.21 34.44
N LYS A 143 -31.97 -14.79 33.43
CA LYS A 143 -30.76 -15.50 33.03
C LYS A 143 -29.59 -15.09 33.91
N GLU A 144 -28.54 -15.91 33.87
CA GLU A 144 -27.23 -15.49 34.34
C GLU A 144 -26.49 -14.85 33.18
N CYS A 145 -25.71 -13.82 33.46
N CYS A 145 -25.72 -13.80 33.47
CA CYS A 145 -24.98 -13.16 32.40
CA CYS A 145 -24.99 -13.03 32.46
C CYS A 145 -23.56 -12.87 32.87
C CYS A 145 -23.53 -12.86 32.90
N VAL A 146 -22.61 -13.07 31.96
CA VAL A 146 -21.18 -12.87 32.23
C VAL A 146 -20.58 -12.13 31.05
N ILE A 147 -19.61 -11.25 31.34
CA ILE A 147 -18.83 -10.57 30.31
C ILE A 147 -17.38 -11.00 30.50
N GLY A 148 -16.85 -11.73 29.52
CA GLY A 148 -15.54 -12.31 29.67
C GLY A 148 -14.42 -11.28 29.58
N LYS A 149 -13.35 -11.55 30.32
CA LYS A 149 -12.23 -10.63 30.40
C LYS A 149 -11.39 -10.68 29.13
N GLY A 150 -10.72 -9.57 28.84
CA GLY A 150 -9.87 -9.48 27.67
C GLY A 150 -8.48 -9.99 27.94
N ASP A 151 -7.60 -9.80 26.95
CA ASP A 151 -6.19 -10.16 27.08
C ASP A 151 -5.36 -8.99 26.57
N PRO A 152 -4.01 -9.05 26.59
CA PRO A 152 -3.21 -7.91 26.11
C PRO A 152 -3.55 -7.41 24.72
N ARG A 153 -4.16 -8.24 23.88
CA ARG A 153 -4.49 -7.86 22.51
C ARG A 153 -5.85 -7.19 22.39
N ALA A 154 -6.82 -7.60 23.21
CA ALA A 154 -8.16 -7.00 23.25
C ALA A 154 -8.45 -6.68 24.71
N ILE A 155 -8.18 -5.44 25.11
CA ILE A 155 -8.05 -5.15 26.54
C ILE A 155 -9.40 -5.09 27.26
N TYR A 156 -10.47 -4.79 26.55
CA TYR A 156 -11.68 -4.50 27.30
C TYR A 156 -12.51 -5.76 27.51
N PRO A 157 -13.12 -5.90 28.68
CA PRO A 157 -14.04 -7.03 28.88
C PRO A 157 -15.12 -7.05 27.80
N GLY A 158 -15.40 -8.25 27.30
CA GLY A 158 -16.38 -8.44 26.25
C GLY A 158 -15.92 -8.11 24.85
N GLN A 159 -14.70 -7.57 24.67
CA GLN A 159 -14.25 -7.13 23.36
C GLN A 159 -13.69 -8.29 22.54
N VAL A 160 -14.21 -8.47 21.32
CA VAL A 160 -13.59 -9.40 20.38
C VAL A 160 -13.09 -8.62 19.17
N LEU A 161 -12.09 -9.19 18.50
CA LEU A 161 -11.56 -8.74 17.22
C LEU A 161 -11.69 -9.87 16.20
N GLY A 162 -11.46 -9.56 14.92
CA GLY A 162 -11.50 -10.64 13.94
C GLY A 162 -10.38 -11.65 14.13
N CYS A 163 -9.43 -11.33 15.00
CA CYS A 163 -8.25 -12.13 15.27
C CYS A 163 -8.11 -12.48 16.74
N ASN A 164 -9.14 -12.25 17.56
CA ASN A 164 -9.00 -12.50 18.98
C ASN A 164 -10.37 -12.78 19.58
N PHE A 165 -10.55 -13.97 20.13
CA PHE A 165 -11.83 -14.39 20.68
C PHE A 165 -11.70 -14.74 22.16
N THR A 166 -10.66 -14.20 22.80
CA THR A 166 -10.38 -14.47 24.22
C THR A 166 -11.57 -14.10 25.11
N ALA A 167 -12.24 -12.99 24.82
CA ALA A 167 -13.38 -12.58 25.62
C ALA A 167 -14.53 -13.56 25.56
N ALA A 168 -14.56 -14.44 24.56
CA ALA A 168 -15.59 -15.48 24.44
C ALA A 168 -15.17 -16.80 25.07
N ARG A 169 -14.01 -16.86 25.73
CA ARG A 169 -13.59 -18.07 26.43
C ARG A 169 -13.95 -17.88 27.89
N VAL A 170 -15.20 -18.22 28.22
CA VAL A 170 -15.74 -18.04 29.56
C VAL A 170 -16.72 -19.15 29.86
N ASP A 171 -17.09 -19.27 31.14
CA ASP A 171 -18.02 -20.29 31.61
C ASP A 171 -19.45 -19.82 31.36
N CYS A 172 -19.87 -19.97 30.10
CA CYS A 172 -21.26 -19.75 29.72
C CYS A 172 -21.65 -20.78 28.67
N GLU A 173 -22.94 -20.82 28.34
CA GLU A 173 -23.48 -21.82 27.44
C GLU A 173 -23.86 -21.29 26.07
N GLU A 174 -24.30 -20.03 25.97
CA GLU A 174 -24.62 -19.37 24.72
C GLU A 174 -24.10 -17.94 24.76
N PHE A 175 -23.98 -17.34 23.58
CA PHE A 175 -23.55 -15.94 23.47
C PHE A 175 -24.59 -15.08 22.76
N ILE A 176 -24.61 -13.80 23.13
CA ILE A 176 -25.19 -12.74 22.31
C ILE A 176 -24.03 -11.86 21.85
N TYR A 177 -23.86 -11.73 20.52
CA TYR A 177 -22.95 -10.75 19.96
C TYR A 177 -23.74 -9.50 19.62
N ILE A 178 -23.19 -8.34 20.00
CA ILE A 178 -23.85 -7.05 19.76
C ILE A 178 -23.05 -6.32 18.69
N GLY A 179 -23.71 -6.01 17.58
CA GLY A 179 -23.07 -5.26 16.53
C GLY A 179 -23.51 -5.70 15.15
N SER A 180 -22.89 -5.14 14.14
CA SER A 180 -23.22 -5.46 12.77
C SER A 180 -22.28 -6.52 12.22
N GLY A 181 -22.66 -7.08 11.07
CA GLY A 181 -21.81 -7.99 10.35
C GLY A 181 -21.97 -9.41 10.79
N ILE A 182 -21.39 -10.31 9.99
CA ILE A 182 -21.52 -11.72 10.22
C ILE A 182 -20.22 -12.34 10.73
N PHE A 183 -19.06 -11.74 10.42
CA PHE A 183 -17.81 -12.45 10.64
C PHE A 183 -17.43 -12.53 12.11
N HIS A 184 -17.77 -11.51 12.93
CA HIS A 184 -17.47 -11.62 14.36
C HIS A 184 -18.29 -12.71 15.04
N PRO A 185 -19.62 -12.74 14.93
CA PRO A 185 -20.35 -13.84 15.58
C PRO A 185 -20.00 -15.17 14.97
N LEU A 186 -19.73 -15.22 13.66
CA LEU A 186 -19.24 -16.44 13.05
C LEU A 186 -18.00 -16.94 13.77
N GLY A 187 -17.01 -16.06 13.93
CA GLY A 187 -15.78 -16.45 14.60
C GLY A 187 -15.99 -16.95 16.02
N VAL A 188 -16.87 -16.29 16.77
CA VAL A 188 -17.19 -16.72 18.12
C VAL A 188 -17.80 -18.11 18.11
N ALA A 189 -18.72 -18.37 17.18
CA ALA A 189 -19.35 -19.69 17.12
C ALA A 189 -18.32 -20.77 16.78
N ILE A 190 -17.39 -20.45 15.88
CA ILE A 190 -16.35 -21.41 15.51
C ILE A 190 -15.38 -21.62 16.68
N ALA A 191 -15.00 -20.53 17.34
CA ALA A 191 -13.98 -20.61 18.39
C ALA A 191 -14.49 -21.36 19.60
N THR A 192 -15.74 -21.15 19.99
CA THR A 192 -16.26 -21.72 21.23
C THR A 192 -17.06 -23.01 21.02
N LYS A 193 -17.51 -23.28 19.79
CA LYS A 193 -18.45 -24.36 19.50
C LYS A 193 -19.76 -24.21 20.29
N LYS A 194 -20.10 -22.98 20.67
CA LYS A 194 -21.36 -22.70 21.35
C LYS A 194 -22.28 -21.89 20.45
N ARG A 195 -23.56 -21.88 20.83
CA ARG A 195 -24.56 -21.13 20.07
C ARG A 195 -24.34 -19.63 20.24
N VAL A 196 -24.53 -18.88 19.15
CA VAL A 196 -24.31 -17.43 19.14
C VAL A 196 -25.50 -16.75 18.45
N ILE A 197 -26.10 -15.78 19.12
CA ILE A 197 -27.14 -14.93 18.54
C ILE A 197 -26.51 -13.59 18.23
N ALA A 198 -26.64 -13.14 16.99
CA ALA A 198 -26.16 -11.83 16.59
C ALA A 198 -27.32 -10.84 16.70
N ALA A 199 -27.13 -9.79 17.49
CA ALA A 199 -28.14 -8.76 17.69
C ALA A 199 -27.58 -7.46 17.11
N ASP A 200 -28.17 -6.99 16.00
CA ASP A 200 -27.70 -5.79 15.34
C ASP A 200 -28.41 -4.59 15.95
N PRO A 201 -27.70 -3.63 16.53
CA PRO A 201 -28.40 -2.48 17.15
C PRO A 201 -28.89 -1.46 16.16
N PHE A 202 -28.39 -1.47 14.92
CA PHE A 202 -28.88 -0.51 13.93
C PHE A 202 -30.20 -0.97 13.34
N LEU A 203 -30.35 -2.27 13.05
CA LEU A 203 -31.57 -2.83 12.50
C LEU A 203 -32.55 -3.28 13.58
N ASN A 204 -32.12 -3.36 14.84
CA ASN A 204 -32.91 -3.94 15.91
C ASN A 204 -33.49 -5.29 15.50
N GLN A 205 -32.62 -6.15 14.99
CA GLN A 205 -32.98 -7.51 14.60
C GLN A 205 -31.91 -8.46 15.12
N ALA A 206 -32.31 -9.70 15.40
CA ALA A 206 -31.40 -10.69 15.97
C ALA A 206 -31.57 -12.01 15.24
N VAL A 207 -30.45 -12.62 14.85
CA VAL A 207 -30.47 -13.86 14.08
C VAL A 207 -29.48 -14.85 14.69
N GLU A 208 -29.81 -16.13 14.60
CA GLU A 208 -28.82 -17.15 14.93
C GLU A 208 -27.77 -17.18 13.83
N VAL A 209 -26.50 -17.25 14.23
CA VAL A 209 -25.39 -17.39 13.31
C VAL A 209 -24.84 -18.80 13.51
N SER A 210 -25.15 -19.68 12.58
CA SER A 210 -24.69 -21.07 12.51
C SER A 210 -23.43 -21.15 11.66
N PRO A 211 -22.41 -21.88 12.11
CA PRO A 211 -21.16 -21.95 11.33
C PRO A 211 -21.04 -23.18 10.44
N GLU A 212 -22.01 -24.10 10.50
CA GLU A 212 -21.86 -25.38 9.80
C GLU A 212 -21.77 -25.18 8.30
N ARG A 213 -22.65 -24.33 7.75
CA ARG A 213 -22.56 -24.00 6.32
C ARG A 213 -21.19 -23.44 5.98
N PHE A 214 -20.70 -22.48 6.76
CA PHE A 214 -19.44 -21.81 6.47
C PHE A 214 -18.26 -22.76 6.59
N LEU A 215 -18.26 -23.62 7.61
CA LEU A 215 -17.17 -24.57 7.75
C LEU A 215 -17.21 -25.61 6.64
N ARG A 216 -18.40 -26.07 6.26
N ARG A 216 -18.40 -25.95 6.15
CA ARG A 216 -18.51 -27.18 5.32
CA ARG A 216 -18.47 -26.70 4.90
C ARG A 216 -18.08 -26.77 3.93
C ARG A 216 -17.82 -25.94 3.76
N LYS A 217 -18.63 -25.66 3.44
N LYS A 217 -17.76 -24.60 3.85
CA LYS A 217 -18.25 -25.17 2.11
CA LYS A 217 -17.14 -23.80 2.79
C LYS A 217 -16.78 -24.81 2.05
C LYS A 217 -15.62 -23.72 2.92
N ARG A 218 -16.26 -24.20 3.12
N ARG A 218 -15.09 -23.57 4.14
CA ARG A 218 -14.83 -23.84 3.13
CA ARG A 218 -13.64 -23.63 4.31
C ARG A 218 -13.95 -25.09 3.12
C ARG A 218 -13.09 -25.00 3.97
N GLY A 219 -14.30 -26.09 3.93
N GLY A 219 -13.90 -26.06 4.11
CA GLY A 219 -13.52 -27.32 3.94
CA GLY A 219 -13.49 -27.37 3.67
C GLY A 219 -13.42 -27.96 2.57
C GLY A 219 -13.25 -27.47 2.18
N GLY A 220 -14.54 -28.02 1.84
N GLY A 220 -13.89 -26.61 1.38
CA GLY A 220 -14.50 -28.57 0.49
CA GLY A 220 -13.67 -26.63 -0.05
C GLY A 220 -13.65 -27.74 -0.46
C GLY A 220 -12.40 -25.93 -0.47
N TYR A 221 -13.55 -26.43 -0.22
N TYR A 221 -11.94 -24.94 0.30
CA TYR A 221 -12.78 -25.59 -1.11
CA TYR A 221 -10.66 -24.31 0.01
C TYR A 221 -11.28 -25.68 -0.84
C TYR A 221 -9.50 -25.25 0.33
N ILE A 222 -10.85 -25.62 0.42
N ILE A 222 -9.58 -25.98 1.45
CA ILE A 222 -9.43 -25.69 0.73
CA ILE A 222 -8.59 -27.00 1.73
C ILE A 222 -8.82 -27.02 0.28
C ILE A 222 -8.54 -28.02 0.61
N ALA A 223 -9.66 -28.03 0.06
N ALA A 223 -9.70 -28.38 0.07
CA ALA A 223 -9.20 -29.25 -0.60
CA ALA A 223 -9.76 -29.38 -0.99
C ALA A 223 -8.73 -29.00 -2.04
C ALA A 223 -8.99 -28.91 -2.23
N LYS A 224 -9.09 -27.85 -2.63
N LYS A 224 -9.19 -27.66 -2.65
CA LYS A 224 -8.44 -27.49 -3.89
CA LYS A 224 -8.54 -27.19 -3.88
C LYS A 224 -6.94 -27.30 -3.70
C LYS A 224 -7.02 -27.10 -3.73
N ALA A 225 -6.53 -26.87 -2.52
CA ALA A 225 -5.11 -26.67 -2.26
C ALA A 225 -4.35 -27.97 -1.94
N THR A 226 -5.08 -29.06 -1.74
CA THR A 226 -4.47 -30.37 -1.60
C THR A 226 -3.50 -30.67 -2.73
N GLY A 227 -3.86 -30.26 -3.95
CA GLY A 227 -3.00 -30.54 -5.08
C GLY A 227 -2.00 -29.46 -5.40
N ALA A 228 -1.96 -28.36 -4.62
CA ALA A 228 -1.02 -27.28 -4.86
C ALA A 228 0.42 -27.74 -4.57
N LYS A 229 1.34 -27.32 -5.43
CA LYS A 229 2.76 -27.65 -5.23
C LYS A 229 3.58 -26.48 -4.74
N ILE A 230 3.21 -25.25 -5.10
CA ILE A 230 3.95 -24.04 -4.78
C ILE A 230 3.03 -23.06 -4.05
N PHE A 231 3.45 -22.62 -2.87
CA PHE A 231 2.66 -21.72 -2.04
C PHE A 231 3.38 -20.38 -1.88
N GLY A 232 2.62 -19.30 -1.86
CA GLY A 232 3.13 -18.01 -1.38
C GLY A 232 2.70 -17.83 0.06
N ILE A 233 3.68 -17.61 0.94
CA ILE A 233 3.40 -17.38 2.37
C ILE A 233 3.44 -15.89 2.65
N ILE A 234 2.29 -15.31 2.95
CA ILE A 234 2.12 -13.86 3.03
C ILE A 234 2.52 -13.39 4.43
N VAL A 235 3.39 -12.39 4.51
CA VAL A 235 3.71 -11.72 5.77
C VAL A 235 3.44 -10.24 5.57
N SER A 236 2.81 -9.60 6.56
CA SER A 236 2.58 -8.14 6.52
C SER A 236 3.53 -7.42 7.46
N THR A 237 4.07 -6.28 7.01
CA THR A 237 4.91 -5.45 7.87
C THR A 237 4.12 -4.54 8.83
N LYS A 238 2.78 -4.60 8.82
CA LYS A 238 2.02 -3.72 9.68
C LYS A 238 2.35 -4.00 11.14
N SER A 239 2.19 -2.96 11.97
CA SER A 239 2.77 -2.96 13.31
C SER A 239 2.29 -4.14 14.15
N GLY A 240 1.04 -4.56 13.97
CA GLY A 240 0.49 -5.62 14.78
C GLY A 240 0.10 -6.87 14.01
N GLN A 241 0.55 -6.98 12.76
CA GLN A 241 0.22 -8.16 11.95
C GLN A 241 1.43 -8.97 11.51
N TYR A 242 2.62 -8.65 11.99
CA TYR A 242 3.85 -9.27 11.50
C TYR A 242 4.08 -10.61 12.18
N ARG A 243 4.13 -11.68 11.39
CA ARG A 243 4.32 -13.04 11.91
C ARG A 243 5.39 -13.78 11.11
N MET A 244 6.57 -13.18 11.01
CA MET A 244 7.63 -13.75 10.17
C MET A 244 8.14 -15.08 10.73
N LYS A 245 8.25 -15.19 12.06
CA LYS A 245 8.73 -16.45 12.61
C LYS A 245 7.78 -17.60 12.27
N LEU A 246 6.47 -17.33 12.34
CA LEU A 246 5.49 -18.33 11.92
C LEU A 246 5.63 -18.65 10.43
N ALA A 247 5.79 -17.60 9.61
CA ALA A 247 5.97 -17.81 8.17
C ALA A 247 7.18 -18.67 7.87
N GLN A 248 8.28 -18.46 8.62
N GLN A 248 8.27 -18.49 8.63
CA GLN A 248 9.47 -19.28 8.44
CA GLN A 248 9.45 -19.31 8.37
C GLN A 248 9.19 -20.73 8.84
C GLN A 248 9.26 -20.75 8.88
N LYS A 249 8.50 -20.94 9.95
CA LYS A 249 8.13 -22.28 10.37
C LYS A 249 7.28 -22.96 9.30
N LEU A 250 6.29 -22.24 8.74
CA LEU A 250 5.43 -22.84 7.72
C LEU A 250 6.24 -23.22 6.48
N LYS A 251 7.22 -22.39 6.11
CA LYS A 251 8.05 -22.72 4.96
C LYS A 251 8.84 -24.01 5.20
N GLU A 252 9.34 -24.20 6.42
CA GLU A 252 10.04 -25.43 6.77
C GLU A 252 9.10 -26.64 6.75
N ILE A 253 7.87 -26.48 7.24
CA ILE A 253 6.94 -27.61 7.23
C ILE A 253 6.55 -28.00 5.81
N ALA A 254 6.38 -27.02 4.92
CA ALA A 254 6.14 -27.33 3.51
C ALA A 254 7.27 -28.16 2.93
N ASP A 255 8.52 -27.75 3.19
CA ASP A 255 9.66 -28.50 2.66
C ASP A 255 9.73 -29.90 3.26
N LYS A 256 9.47 -30.01 4.57
CA LYS A 256 9.38 -31.31 5.22
C LYS A 256 8.43 -32.24 4.48
N HIS A 257 7.35 -31.69 3.91
CA HIS A 257 6.31 -32.49 3.28
C HIS A 257 6.40 -32.45 1.75
N GLY A 258 7.55 -32.08 1.20
CA GLY A 258 7.76 -32.21 -0.23
C GLY A 258 6.99 -31.20 -1.05
N LYS A 259 6.79 -30.00 -0.50
CA LYS A 259 6.23 -28.90 -1.24
C LYS A 259 7.13 -27.70 -0.97
N ILE A 260 6.77 -26.56 -1.54
CA ILE A 260 7.60 -25.37 -1.48
C ILE A 260 6.75 -24.17 -1.12
N GLY A 261 7.22 -23.39 -0.15
CA GLY A 261 6.66 -22.07 0.13
C GLY A 261 7.70 -20.98 -0.07
N TYR A 262 7.30 -19.85 -0.66
CA TYR A 262 8.11 -18.65 -0.74
C TYR A 262 7.48 -17.56 0.11
N ILE A 263 8.29 -16.92 0.93
CA ILE A 263 7.79 -15.86 1.80
C ILE A 263 7.66 -14.58 0.98
N ILE A 264 6.47 -13.98 1.02
CA ILE A 264 6.18 -12.74 0.32
C ILE A 264 5.87 -11.70 1.38
N LEU A 265 6.69 -10.65 1.47
CA LEU A 265 6.60 -9.66 2.52
C LEU A 265 5.96 -8.40 1.94
N MET A 266 4.88 -7.91 2.57
CA MET A 266 4.22 -6.73 2.02
C MET A 266 3.56 -5.93 3.13
N ASP A 267 3.08 -4.73 2.78
CA ASP A 267 2.32 -3.89 3.71
C ASP A 267 0.84 -4.23 3.56
N LEU A 268 0.19 -3.72 2.51
CA LEU A 268 -1.16 -4.10 2.20
C LEU A 268 -1.20 -5.43 1.46
N VAL A 269 -2.16 -6.27 1.82
CA VAL A 269 -2.34 -7.56 1.18
C VAL A 269 -3.53 -7.43 0.26
N THR A 270 -3.31 -7.48 -1.06
CA THR A 270 -4.46 -7.31 -1.94
C THR A 270 -4.42 -8.34 -3.05
N PRO A 271 -5.58 -8.66 -3.63
CA PRO A 271 -5.59 -9.60 -4.77
C PRO A 271 -4.72 -9.18 -5.93
N GLU A 272 -4.66 -7.88 -6.23
CA GLU A 272 -3.88 -7.41 -7.39
C GLU A 272 -2.40 -7.74 -7.21
N GLN A 273 -1.88 -7.53 -6.00
CA GLN A 273 -0.47 -7.80 -5.78
C GLN A 273 -0.18 -9.30 -5.70
N LEU A 274 -1.14 -10.10 -5.23
CA LEU A 274 -0.94 -11.56 -5.19
C LEU A 274 -1.15 -12.24 -6.54
N LEU A 275 -2.00 -11.69 -7.40
CA LEU A 275 -2.24 -12.33 -8.69
C LEU A 275 -0.95 -12.44 -9.50
N ALA A 276 -0.07 -11.46 -9.36
CA ALA A 276 1.10 -11.40 -10.22
C ALA A 276 2.09 -12.54 -9.94
N PHE A 277 2.08 -13.08 -8.73
N PHE A 277 2.07 -13.11 -8.74
CA PHE A 277 3.00 -14.14 -8.36
CA PHE A 277 3.10 -14.08 -8.38
C PHE A 277 2.44 -15.50 -8.78
C PHE A 277 2.82 -15.47 -8.96
N LYS A 278 3.26 -16.29 -9.48
N LYS A 278 1.55 -15.84 -9.16
CA LYS A 278 2.79 -17.54 -10.09
CA LYS A 278 1.17 -17.09 -9.80
C LYS A 278 2.87 -18.67 -9.07
C LYS A 278 1.63 -18.31 -9.01
N ALA A 279 2.03 -18.56 -8.04
N ALA A 279 1.61 -18.21 -7.67
CA ALA A 279 1.87 -19.60 -7.03
CA ALA A 279 1.70 -19.44 -6.88
C ALA A 279 0.52 -20.30 -7.19
C ALA A 279 0.40 -20.23 -7.03
N ASP A 280 0.46 -21.53 -6.70
CA ASP A 280 -0.75 -22.35 -6.77
C ASP A 280 -1.76 -21.97 -5.69
N ALA A 281 -1.27 -21.54 -4.53
CA ALA A 281 -2.14 -21.21 -3.41
C ALA A 281 -1.32 -20.34 -2.47
N TYR A 282 -2.01 -19.70 -1.52
CA TYR A 282 -1.37 -18.79 -0.60
C TYR A 282 -1.71 -19.18 0.83
N VAL A 283 -0.80 -18.90 1.76
CA VAL A 283 -1.04 -19.04 3.18
C VAL A 283 -0.86 -17.66 3.80
N ASN A 284 -1.88 -17.20 4.55
CA ASN A 284 -1.91 -15.82 5.03
C ASN A 284 -1.50 -15.75 6.49
N THR A 285 -0.35 -15.12 6.78
CA THR A 285 -0.02 -14.86 8.18
C THR A 285 -0.27 -13.43 8.62
N ALA A 286 -0.83 -12.58 7.75
CA ALA A 286 -1.26 -11.23 8.08
C ALA A 286 -2.66 -11.29 8.68
N CYS A 287 -3.40 -10.18 8.63
CA CYS A 287 -4.76 -10.10 9.15
C CYS A 287 -5.57 -11.35 8.81
N PRO A 288 -6.02 -12.14 9.80
CA PRO A 288 -6.77 -13.36 9.45
C PRO A 288 -8.15 -13.09 8.90
N ARG A 289 -8.72 -11.89 9.05
CA ARG A 289 -10.00 -11.65 8.41
C ARG A 289 -9.89 -11.66 6.90
N ILE A 290 -8.71 -11.28 6.35
CA ILE A 290 -8.51 -11.35 4.90
C ILE A 290 -8.80 -12.75 4.40
N THR A 291 -8.33 -13.74 5.14
CA THR A 291 -8.43 -15.14 4.71
C THR A 291 -9.87 -15.57 4.49
N ILE A 292 -10.81 -15.10 5.32
CA ILE A 292 -12.17 -15.63 5.24
C ILE A 292 -13.15 -14.65 4.63
N ASP A 293 -12.75 -13.39 4.42
CA ASP A 293 -13.62 -12.38 3.82
C ASP A 293 -13.11 -11.98 2.44
N ASP A 294 -12.08 -11.13 2.40
CA ASP A 294 -11.56 -10.62 1.13
C ASP A 294 -11.17 -11.74 0.18
N ALA A 295 -10.87 -12.92 0.71
CA ALA A 295 -10.32 -14.00 -0.09
C ALA A 295 -11.33 -14.59 -1.07
N GLU A 296 -12.63 -14.40 -0.84
CA GLU A 296 -13.63 -14.99 -1.72
C GLU A 296 -13.40 -14.65 -3.19
N ARG A 297 -12.93 -13.44 -3.47
CA ARG A 297 -12.53 -13.03 -4.81
C ARG A 297 -11.01 -12.87 -4.93
N PHE A 298 -10.26 -13.81 -4.37
CA PHE A 298 -8.91 -14.09 -4.83
C PHE A 298 -9.00 -15.21 -5.88
N HIS A 299 -8.06 -15.21 -6.82
CA HIS A 299 -8.10 -16.19 -7.91
C HIS A 299 -7.45 -17.53 -7.54
N ALA A 300 -6.83 -17.63 -6.39
CA ALA A 300 -6.23 -18.86 -5.90
C ALA A 300 -6.62 -18.99 -4.44
N PRO A 301 -6.54 -20.20 -3.88
CA PRO A 301 -6.97 -20.37 -2.48
C PRO A 301 -6.03 -19.66 -1.54
N VAL A 302 -6.61 -19.06 -0.50
CA VAL A 302 -5.86 -18.42 0.58
C VAL A 302 -6.24 -19.15 1.86
N LEU A 303 -5.24 -19.73 2.54
CA LEU A 303 -5.42 -20.63 3.68
C LEU A 303 -4.93 -19.97 4.95
N THR A 304 -5.56 -20.35 6.07
CA THR A 304 -5.01 -20.03 7.38
C THR A 304 -3.79 -20.91 7.63
N PRO A 305 -2.94 -20.54 8.59
CA PRO A 305 -1.81 -21.43 8.95
C PRO A 305 -2.24 -22.84 9.32
N GLN A 306 -3.30 -22.98 10.11
CA GLN A 306 -3.75 -24.33 10.43
C GLN A 306 -4.26 -25.06 9.19
N GLU A 307 -5.00 -24.39 8.31
CA GLU A 307 -5.46 -25.04 7.09
C GLU A 307 -4.29 -25.50 6.23
N PHE A 308 -3.22 -24.70 6.18
CA PHE A 308 -2.01 -25.08 5.46
C PHE A 308 -1.42 -26.37 6.03
N GLU A 309 -1.34 -26.46 7.36
CA GLU A 309 -0.80 -27.68 7.95
C GLU A 309 -1.66 -28.88 7.61
N ILE A 310 -2.96 -28.68 7.46
CA ILE A 310 -3.85 -29.79 7.13
C ILE A 310 -3.61 -30.25 5.69
N VAL A 311 -3.55 -29.28 4.77
CA VAL A 311 -3.30 -29.59 3.35
C VAL A 311 -1.95 -30.27 3.17
N LEU A 312 -0.98 -29.94 4.01
CA LEU A 312 0.36 -30.51 3.89
C LEU A 312 0.44 -31.95 4.38
N GLY A 313 -0.49 -32.37 5.24
CA GLY A 313 -0.37 -33.63 5.94
C GLY A 313 0.31 -33.52 7.29
N GLU A 314 0.65 -32.31 7.73
CA GLU A 314 1.29 -32.11 9.01
C GLU A 314 0.32 -32.35 10.16
N ARG A 315 -0.92 -31.94 10.03
CA ARG A 315 -1.92 -32.22 11.05
C ARG A 315 -3.17 -32.81 10.40
N ARG A 316 -3.89 -33.61 11.19
CA ARG A 316 -5.06 -34.31 10.65
C ARG A 316 -6.18 -33.33 10.38
N TRP A 317 -7.03 -33.69 9.42
CA TRP A 317 -8.09 -32.78 8.97
C TRP A 317 -9.09 -32.53 10.10
N GLU A 318 -9.67 -31.35 10.05
CA GLU A 318 -10.70 -30.90 10.97
C GLU A 318 -11.24 -29.61 10.38
N ASN A 319 -12.42 -29.20 10.83
CA ASN A 319 -12.96 -27.94 10.34
C ASN A 319 -12.00 -26.80 10.67
N MET A 320 -12.11 -25.72 9.90
CA MET A 320 -11.27 -24.57 10.14
C MET A 320 -11.46 -24.07 11.57
N GLU A 321 -10.35 -23.81 12.24
N GLU A 321 -10.35 -23.88 12.26
CA GLU A 321 -10.31 -23.17 13.56
CA GLU A 321 -10.33 -23.14 13.52
C GLU A 321 -9.81 -21.74 13.38
C GLU A 321 -10.04 -21.68 13.22
N MET A 322 -10.36 -20.81 14.18
CA MET A 322 -10.07 -19.40 13.98
C MET A 322 -8.58 -19.15 14.17
N ASP A 323 -7.98 -18.54 13.15
CA ASP A 323 -6.60 -18.06 13.22
C ASP A 323 -6.56 -16.83 14.13
N GLU A 324 -6.04 -17.01 15.33
CA GLU A 324 -5.99 -15.89 16.27
C GLU A 324 -4.58 -15.35 16.39
N MET A 325 -4.48 -14.07 16.67
N MET A 325 -4.49 -14.06 16.70
CA MET A 325 -3.21 -13.42 17.01
CA MET A 325 -3.23 -13.40 17.02
C MET A 325 -3.24 -13.11 18.51
C MET A 325 -3.25 -13.10 18.52
N ILE A 326 -2.34 -13.73 19.26
CA ILE A 326 -2.30 -13.56 20.70
C ILE A 326 -0.85 -13.45 21.17
N GLN B 7 20.08 -18.38 -24.44
CA GLN B 7 20.46 -19.53 -23.65
C GLN B 7 21.14 -19.12 -22.33
N PHE B 8 21.97 -18.08 -22.39
CA PHE B 8 22.68 -17.57 -21.22
C PHE B 8 21.82 -16.47 -20.58
N ASP B 9 21.28 -16.76 -19.39
CA ASP B 9 20.52 -15.76 -18.63
C ASP B 9 21.50 -14.84 -17.92
N PHE B 10 21.64 -13.62 -18.45
CA PHE B 10 22.65 -12.70 -17.94
C PHE B 10 22.30 -12.22 -16.52
N ASP B 11 21.04 -11.85 -16.30
CA ASP B 11 20.65 -11.41 -14.96
C ASP B 11 20.90 -12.53 -13.95
N LEU B 12 20.42 -13.74 -14.23
CA LEU B 12 20.47 -14.79 -13.22
C LEU B 12 21.90 -15.18 -12.88
N GLU B 13 22.78 -15.30 -13.88
CA GLU B 13 24.16 -15.67 -13.58
C GLU B 13 24.85 -14.63 -12.71
N ARG B 14 24.59 -13.34 -12.96
N ARG B 14 24.58 -13.34 -12.95
CA ARG B 14 25.15 -12.29 -12.12
CA ARG B 14 25.15 -12.28 -12.13
C ARG B 14 24.61 -12.37 -10.70
C ARG B 14 24.61 -12.35 -10.70
N ILE B 15 23.33 -12.65 -10.56
CA ILE B 15 22.73 -12.72 -9.23
C ILE B 15 23.35 -13.88 -8.45
N LEU B 16 23.47 -15.04 -9.09
CA LEU B 16 24.04 -16.20 -8.40
C LEU B 16 25.49 -15.94 -8.01
N LYS B 17 26.27 -15.35 -8.93
CA LYS B 17 27.67 -15.05 -8.62
C LYS B 17 27.77 -14.07 -7.44
N THR B 18 26.93 -13.04 -7.42
CA THR B 18 26.90 -12.08 -6.31
C THR B 18 26.61 -12.79 -4.99
N ILE B 19 25.57 -13.64 -4.98
CA ILE B 19 25.23 -14.39 -3.78
C ILE B 19 26.41 -15.26 -3.34
N LYS B 20 27.06 -15.95 -4.29
CA LYS B 20 28.19 -16.81 -3.95
C LYS B 20 29.36 -15.99 -3.42
N ASP B 21 29.68 -14.87 -4.07
CA ASP B 21 30.82 -14.07 -3.65
C ASP B 21 30.60 -13.47 -2.28
N LYS B 22 29.39 -12.99 -1.99
CA LYS B 22 29.14 -12.34 -0.71
C LYS B 22 28.60 -13.32 0.32
N ASN B 23 28.53 -14.61 -0.02
CA ASN B 23 28.08 -15.66 0.88
C ASN B 23 26.77 -15.29 1.56
N CYS B 24 25.83 -14.76 0.79
CA CYS B 24 24.55 -14.36 1.36
C CYS B 24 23.75 -15.59 1.75
N LYS B 25 23.11 -15.53 2.92
CA LYS B 25 22.15 -16.55 3.31
C LYS B 25 20.69 -16.10 3.23
N LYS B 26 20.45 -14.79 3.19
CA LYS B 26 19.10 -14.24 3.09
C LYS B 26 19.08 -13.22 1.98
N VAL B 27 18.24 -13.45 0.98
CA VAL B 27 18.21 -12.63 -0.22
C VAL B 27 16.81 -12.08 -0.39
N GLY B 28 16.71 -10.79 -0.70
CA GLY B 28 15.44 -10.18 -1.05
C GLY B 28 15.33 -9.93 -2.55
N LEU B 29 14.11 -10.00 -3.07
CA LEU B 29 13.85 -9.68 -4.48
C LEU B 29 12.74 -8.64 -4.56
N GLN B 30 12.95 -7.59 -5.38
CA GLN B 30 11.93 -6.57 -5.58
C GLN B 30 11.73 -6.32 -7.07
N PHE B 31 10.48 -6.41 -7.52
CA PHE B 31 10.17 -6.34 -8.96
C PHE B 31 9.10 -5.30 -9.24
N PRO B 32 9.21 -4.56 -10.34
CA PRO B 32 8.06 -3.77 -10.81
C PRO B 32 6.97 -4.67 -11.38
N GLU B 33 5.85 -4.02 -11.71
CA GLU B 33 4.59 -4.74 -11.93
C GLU B 33 4.72 -5.81 -13.01
N GLY B 34 5.33 -5.46 -14.14
CA GLY B 34 5.40 -6.39 -15.25
C GLY B 34 6.38 -7.53 -15.05
N LEU B 35 7.23 -7.46 -14.02
CA LEU B 35 8.24 -8.49 -13.84
C LEU B 35 7.95 -9.41 -12.66
N LYS B 36 6.92 -9.11 -11.86
CA LYS B 36 6.59 -9.99 -10.74
C LYS B 36 6.29 -11.42 -11.22
N ARG B 37 5.82 -11.59 -12.46
CA ARG B 37 5.54 -12.95 -12.91
C ARG B 37 6.78 -13.82 -13.03
N GLN B 38 7.97 -13.22 -12.96
CA GLN B 38 9.22 -13.98 -12.94
C GLN B 38 9.72 -14.27 -11.53
N ALA B 39 9.05 -13.70 -10.52
CA ALA B 39 9.61 -13.68 -9.17
C ALA B 39 9.81 -15.08 -8.62
N ILE B 40 8.80 -15.94 -8.73
CA ILE B 40 8.91 -17.25 -8.10
C ILE B 40 9.93 -18.10 -8.84
N ASN B 41 10.04 -17.94 -10.16
N ASN B 41 10.01 -17.94 -10.17
CA ASN B 41 11.02 -18.69 -10.92
CA ASN B 41 11.02 -18.65 -10.95
C ASN B 41 12.44 -18.30 -10.52
C ASN B 41 12.43 -18.30 -10.49
N ILE B 42 12.68 -17.01 -10.30
CA ILE B 42 14.01 -16.56 -9.87
C ILE B 42 14.30 -16.99 -8.44
N ALA B 43 13.31 -16.88 -7.57
CA ALA B 43 13.46 -17.41 -6.21
C ALA B 43 13.80 -18.89 -6.23
N ARG B 44 13.16 -19.65 -7.11
N ARG B 44 13.14 -19.66 -7.10
CA ARG B 44 13.39 -21.09 -7.18
CA ARG B 44 13.41 -21.09 -7.17
C ARG B 44 14.83 -21.39 -7.59
C ARG B 44 14.85 -21.35 -7.55
N GLU B 45 15.33 -20.67 -8.60
CA GLU B 45 16.71 -20.85 -9.03
C GLU B 45 17.70 -20.52 -7.92
N ILE B 46 17.46 -19.42 -7.21
CA ILE B 46 18.37 -19.02 -6.14
C ILE B 46 18.38 -20.07 -5.04
N GLU B 47 17.20 -20.55 -4.63
CA GLU B 47 17.18 -21.51 -3.53
C GLU B 47 17.70 -22.89 -3.96
N GLU B 48 17.57 -23.25 -5.24
CA GLU B 48 18.09 -24.52 -5.75
C GLU B 48 19.61 -24.50 -5.86
N LYS B 49 20.17 -23.38 -6.33
CA LYS B 49 21.57 -23.31 -6.70
C LYS B 49 22.45 -22.60 -5.68
N THR B 50 21.89 -22.03 -4.63
CA THR B 50 22.67 -21.45 -3.53
C THR B 50 22.13 -21.96 -2.21
N ARG B 51 22.77 -21.56 -1.13
CA ARG B 51 22.26 -21.90 0.19
C ARG B 51 21.32 -20.82 0.75
N ALA B 52 20.96 -19.84 -0.07
CA ALA B 52 20.21 -18.70 0.43
C ALA B 52 18.72 -19.01 0.54
N ASN B 53 18.06 -18.32 1.48
CA ASN B 53 16.60 -18.25 1.52
C ASN B 53 16.16 -16.91 0.97
N VAL B 54 15.02 -16.90 0.29
CA VAL B 54 14.59 -15.72 -0.46
C VAL B 54 13.31 -15.19 0.17
N ILE B 55 13.23 -13.86 0.25
CA ILE B 55 11.99 -13.16 0.58
C ILE B 55 11.69 -12.23 -0.59
N ILE B 56 10.47 -12.30 -1.11
CA ILE B 56 10.02 -11.53 -2.25
C ILE B 56 9.19 -10.35 -1.75
N SER B 57 9.48 -9.15 -2.24
CA SER B 57 8.63 -8.02 -1.90
C SER B 57 7.29 -8.13 -2.62
N GLY B 58 6.18 -8.03 -1.87
CA GLY B 58 4.87 -8.06 -2.52
C GLY B 58 4.22 -6.69 -2.75
N ASN B 59 4.88 -5.62 -2.40
CA ASN B 59 4.36 -4.27 -2.62
C ASN B 59 4.51 -3.86 -4.08
N PRO B 60 3.69 -2.91 -4.54
CA PRO B 60 3.94 -2.30 -5.85
C PRO B 60 5.32 -1.67 -5.81
N CYS B 61 5.96 -1.60 -6.99
CA CYS B 61 7.30 -1.01 -7.10
C CYS B 61 7.37 -0.22 -8.39
N PHE B 62 7.54 1.10 -8.30
CA PHE B 62 7.35 1.90 -9.49
C PHE B 62 8.64 2.40 -10.14
N GLY B 63 9.77 2.28 -9.46
CA GLY B 63 11.02 2.86 -9.94
C GLY B 63 12.07 2.68 -8.88
N ALA B 64 13.30 3.13 -9.21
CA ALA B 64 14.36 3.09 -8.19
C ALA B 64 14.18 4.14 -7.12
N CYS B 65 13.20 5.01 -7.28
CA CYS B 65 12.67 5.89 -6.25
C CYS B 65 11.82 5.14 -5.22
N ASP B 66 11.70 3.83 -5.35
CA ASP B 66 10.71 3.08 -4.59
C ASP B 66 11.35 1.79 -4.11
N ILE B 67 12.42 1.92 -3.33
CA ILE B 67 13.12 0.78 -2.76
C ILE B 67 12.35 0.26 -1.54
N ASP B 68 12.23 -1.06 -1.43
CA ASP B 68 11.61 -1.67 -0.26
C ASP B 68 12.69 -1.70 0.83
N THR B 69 12.76 -0.60 1.58
CA THR B 69 13.82 -0.49 2.57
C THR B 69 13.56 -1.37 3.77
N ILE B 70 12.29 -1.69 4.04
CA ILE B 70 12.01 -2.62 5.14
C ILE B 70 12.53 -3.99 4.77
N LEU B 71 12.26 -4.44 3.54
CA LEU B 71 12.85 -5.69 3.08
C LEU B 71 14.37 -5.62 3.07
N ALA B 72 14.95 -4.51 2.59
CA ALA B 72 16.40 -4.41 2.57
C ALA B 72 17.00 -4.55 3.95
N GLY B 73 16.30 -4.03 4.96
CA GLY B 73 16.83 -4.18 6.29
C GLY B 73 16.57 -5.52 6.88
N SER B 74 15.93 -6.42 6.13
CA SER B 74 15.60 -7.76 6.61
C SER B 74 16.42 -8.85 5.94
N VAL B 75 17.33 -8.51 5.01
CA VAL B 75 18.05 -9.51 4.22
C VAL B 75 19.51 -9.07 4.07
N ASP B 76 20.35 -10.02 3.60
CA ASP B 76 21.74 -9.69 3.36
C ASP B 76 21.90 -8.80 2.13
N ILE B 77 21.19 -9.10 1.05
CA ILE B 77 21.25 -8.30 -0.17
C ILE B 77 19.84 -8.28 -0.76
N LEU B 78 19.43 -7.10 -1.26
CA LEU B 78 18.17 -6.93 -1.95
C LEU B 78 18.49 -6.71 -3.43
N PHE B 79 17.99 -7.59 -4.29
CA PHE B 79 18.04 -7.39 -5.74
C PHE B 79 16.79 -6.65 -6.22
N HIS B 80 16.98 -5.48 -6.83
CA HIS B 80 15.91 -4.61 -7.30
C HIS B 80 15.95 -4.62 -8.82
N PHE B 81 14.82 -4.95 -9.45
CA PHE B 81 14.79 -5.22 -10.89
C PHE B 81 14.14 -4.11 -11.70
N GLY B 82 14.64 -3.92 -12.92
CA GLY B 82 13.97 -3.14 -13.93
C GLY B 82 14.36 -1.69 -14.03
N HIS B 83 15.14 -1.18 -13.10
CA HIS B 83 15.45 0.23 -13.06
C HIS B 83 16.93 0.44 -12.89
N ALA B 84 17.42 1.54 -13.44
CA ALA B 84 18.76 1.98 -13.12
C ALA B 84 18.82 2.41 -11.67
N GLY B 85 19.98 2.26 -11.04
CA GLY B 85 20.10 2.65 -9.67
C GLY B 85 19.80 4.11 -9.43
N MET B 86 19.39 4.42 -8.20
CA MET B 86 19.56 5.74 -7.63
C MET B 86 19.82 5.57 -6.14
N GLY B 87 20.21 6.66 -5.49
CA GLY B 87 20.49 6.61 -4.07
C GLY B 87 21.82 5.96 -3.72
N GLU B 88 21.99 5.70 -2.42
CA GLU B 88 23.22 5.12 -1.89
C GLU B 88 22.87 4.04 -0.86
N TYR B 89 22.13 3.02 -1.30
CA TYR B 89 21.77 1.92 -0.42
C TYR B 89 22.88 0.89 -0.41
N GLU B 90 23.34 0.55 0.79
CA GLU B 90 24.55 -0.26 0.92
C GLU B 90 24.34 -1.69 0.42
N ASN B 91 23.14 -2.24 0.58
CA ASN B 91 22.95 -3.66 0.30
C ASN B 91 21.89 -3.87 -0.78
N VAL B 92 21.71 -2.90 -1.66
CA VAL B 92 20.75 -3.02 -2.75
C VAL B 92 21.54 -3.10 -4.05
N VAL B 93 21.25 -4.12 -4.85
CA VAL B 93 21.88 -4.35 -6.14
C VAL B 93 20.82 -4.15 -7.20
N PHE B 94 21.11 -3.30 -8.18
CA PHE B 94 20.14 -2.97 -9.23
C PHE B 94 20.40 -3.84 -10.46
N ILE B 95 19.38 -4.60 -10.86
CA ILE B 95 19.42 -5.45 -12.04
C ILE B 95 18.59 -4.75 -13.10
N GLU B 96 19.25 -4.06 -14.04
CA GLU B 96 18.53 -3.06 -14.83
C GLU B 96 17.60 -3.70 -15.86
N ALA B 97 17.83 -4.94 -16.25
CA ALA B 97 16.97 -5.63 -17.20
C ALA B 97 16.75 -4.78 -18.45
N ARG B 98 17.81 -4.72 -19.26
CA ARG B 98 17.89 -3.86 -20.43
C ARG B 98 17.30 -4.56 -21.66
N SER B 99 16.75 -3.76 -22.56
CA SER B 99 16.18 -4.28 -23.79
C SER B 99 17.27 -4.52 -24.83
N ASN B 100 17.13 -5.57 -25.61
CA ASN B 100 18.12 -5.92 -26.62
C ASN B 100 17.69 -5.55 -28.03
N ILE B 101 16.57 -4.84 -28.20
CA ILE B 101 16.09 -4.55 -29.54
C ILE B 101 17.01 -3.53 -30.22
N ASP B 102 17.22 -3.72 -31.53
CA ASP B 102 18.02 -2.80 -32.32
C ASP B 102 17.26 -1.49 -32.49
N ILE B 103 17.81 -0.40 -31.97
CA ILE B 103 17.14 0.90 -32.10
C ILE B 103 17.53 1.64 -33.36
N ILE B 104 18.51 1.14 -34.11
CA ILE B 104 18.97 1.87 -35.30
C ILE B 104 17.88 2.08 -36.34
N PRO B 105 16.98 1.11 -36.63
CA PRO B 105 15.93 1.38 -37.63
C PRO B 105 15.03 2.55 -37.24
N ALA B 106 14.67 2.65 -35.96
CA ALA B 106 13.85 3.78 -35.52
C ALA B 106 14.61 5.10 -35.63
N VAL B 107 15.92 5.09 -35.32
CA VAL B 107 16.74 6.30 -35.43
C VAL B 107 16.78 6.79 -36.88
N LYS B 108 16.94 5.87 -37.83
CA LYS B 108 16.96 6.29 -39.23
C LYS B 108 15.60 6.82 -39.66
N THR B 109 14.52 6.23 -39.14
CA THR B 109 13.19 6.74 -39.44
C THR B 109 13.02 8.15 -38.89
N ALA B 110 13.58 8.42 -37.72
CA ALA B 110 13.51 9.77 -37.15
C ALA B 110 14.30 10.78 -37.98
N LEU B 111 15.39 10.34 -38.63
CA LEU B 111 16.17 11.27 -39.44
C LEU B 111 15.31 11.95 -40.50
N ASN B 112 14.30 11.24 -41.01
CA ASN B 112 13.41 11.79 -42.02
C ASN B 112 12.73 13.07 -41.52
N LEU B 113 12.42 13.15 -40.23
CA LEU B 113 11.64 14.26 -39.70
C LEU B 113 12.50 15.39 -39.14
N LEU B 114 13.82 15.27 -39.16
CA LEU B 114 14.65 16.30 -38.56
C LEU B 114 14.68 17.54 -39.44
N LYS B 115 14.71 18.71 -38.81
CA LYS B 115 14.83 19.97 -39.54
C LYS B 115 16.08 20.75 -39.16
N ALA B 116 16.79 20.31 -38.12
CA ALA B 116 17.98 20.98 -37.63
C ALA B 116 19.20 20.08 -37.80
N ASN B 117 20.37 20.67 -37.61
N ASN B 117 20.39 20.65 -37.59
CA ASN B 117 21.65 20.00 -37.79
CA ASN B 117 21.62 19.90 -37.80
C ASN B 117 22.22 19.42 -36.50
C ASN B 117 22.26 19.44 -36.50
N ARG B 118 21.95 20.07 -35.37
CA ARG B 118 22.51 19.69 -34.07
C ARG B 118 21.44 18.97 -33.25
N ILE B 119 21.63 17.67 -33.03
CA ILE B 119 20.62 16.75 -32.50
C ILE B 119 21.03 16.23 -31.13
N GLY B 120 20.13 16.29 -30.16
CA GLY B 120 20.34 15.62 -28.90
C GLY B 120 19.61 14.28 -28.84
N LEU B 121 20.19 13.32 -28.11
CA LEU B 121 19.59 11.99 -27.92
C LEU B 121 19.22 11.76 -26.47
N ILE B 122 17.98 11.31 -26.22
CA ILE B 122 17.61 10.80 -24.91
C ILE B 122 16.78 9.52 -25.04
N THR B 123 16.74 8.76 -23.95
CA THR B 123 16.03 7.48 -23.91
C THR B 123 15.78 7.11 -22.46
N THR B 124 15.20 5.93 -22.24
CA THR B 124 15.04 5.37 -20.90
C THR B 124 16.07 4.27 -20.66
N VAL B 125 16.10 3.76 -19.42
CA VAL B 125 17.07 2.74 -19.02
C VAL B 125 17.08 1.57 -20.01
N GLN B 126 15.93 1.27 -20.60
CA GLN B 126 15.84 0.18 -21.57
C GLN B 126 16.93 0.26 -22.64
N HIS B 127 17.19 1.46 -23.18
CA HIS B 127 18.05 1.59 -24.35
C HIS B 127 19.33 2.41 -24.12
N VAL B 128 19.71 2.68 -22.86
CA VAL B 128 20.81 3.63 -22.64
C VAL B 128 22.11 3.12 -23.22
N HIS B 129 22.32 1.80 -23.22
CA HIS B 129 23.55 1.23 -23.75
C HIS B 129 23.64 1.29 -25.26
N LYS B 130 22.59 1.73 -25.95
CA LYS B 130 22.61 1.78 -27.40
C LYS B 130 22.80 3.18 -27.96
N LEU B 131 22.82 4.22 -27.12
CA LEU B 131 22.86 5.60 -27.60
C LEU B 131 24.16 5.95 -28.30
N GLU B 132 25.29 5.41 -27.84
CA GLU B 132 26.56 5.67 -28.51
C GLU B 132 26.52 5.24 -29.96
N GLU B 133 25.95 4.06 -30.22
CA GLU B 133 25.81 3.61 -31.61
C GLU B 133 24.90 4.55 -32.40
N ALA B 134 23.76 4.92 -31.81
CA ALA B 134 22.82 5.80 -32.50
C ALA B 134 23.46 7.15 -32.81
N CYS B 135 24.23 7.68 -31.86
N CYS B 135 24.25 7.68 -31.87
CA CYS B 135 24.94 8.92 -32.09
CA CYS B 135 24.92 8.96 -32.12
C CYS B 135 25.90 8.81 -33.27
C CYS B 135 25.93 8.83 -33.25
N LYS B 136 26.60 7.67 -33.36
CA LYS B 136 27.50 7.43 -34.48
C LYS B 136 26.74 7.42 -35.80
N VAL B 137 25.55 6.80 -35.82
CA VAL B 137 24.79 6.72 -37.06
C VAL B 137 24.27 8.10 -37.48
N ILE B 138 23.80 8.90 -36.52
CA ILE B 138 23.28 10.24 -36.85
C ILE B 138 24.40 11.13 -37.40
N LYS B 139 25.60 11.01 -36.84
CA LYS B 139 26.71 11.80 -37.35
C LYS B 139 27.16 11.34 -38.73
N GLU B 140 27.15 10.03 -38.99
CA GLU B 140 27.59 9.67 -40.33
C GLU B 140 26.55 10.03 -41.40
N TYR B 141 25.33 10.39 -41.02
CA TYR B 141 24.34 10.88 -41.96
C TYR B 141 24.31 12.41 -42.03
N GLY B 142 25.32 13.08 -41.49
CA GLY B 142 25.56 14.48 -41.78
C GLY B 142 25.21 15.44 -40.64
N LYS B 143 24.65 14.95 -39.54
CA LYS B 143 24.27 15.77 -38.40
C LYS B 143 25.39 15.83 -37.36
N GLU B 144 25.27 16.80 -36.45
CA GLU B 144 25.99 16.75 -35.18
C GLU B 144 25.07 16.12 -34.14
N CYS B 145 25.66 15.36 -33.22
N CYS B 145 25.65 15.33 -33.22
CA CYS B 145 24.86 14.67 -32.21
CA CYS B 145 24.90 14.58 -32.22
C CYS B 145 25.54 14.74 -30.86
C CYS B 145 25.56 14.74 -30.85
N VAL B 146 24.77 15.01 -29.82
CA VAL B 146 25.26 15.09 -28.45
C VAL B 146 24.38 14.25 -27.55
N ILE B 147 25.00 13.64 -26.54
CA ILE B 147 24.30 12.92 -25.48
C ILE B 147 24.55 13.66 -24.18
N GLY B 148 23.50 14.24 -23.61
CA GLY B 148 23.63 14.97 -22.36
C GLY B 148 23.89 14.05 -21.18
N LYS B 149 24.66 14.57 -20.23
CA LYS B 149 25.00 13.81 -19.03
C LYS B 149 23.85 13.89 -18.03
N GLY B 150 23.65 12.81 -17.28
CA GLY B 150 22.62 12.79 -16.27
C GLY B 150 23.01 13.49 -14.98
N ASP B 151 22.55 12.94 -13.84
CA ASP B 151 22.87 13.48 -12.53
C ASP B 151 22.82 12.33 -11.52
N PRO B 152 22.90 12.58 -10.20
CA PRO B 152 22.77 11.46 -9.26
C PRO B 152 21.43 10.71 -9.35
N ARG B 153 20.44 11.25 -10.03
CA ARG B 153 19.11 10.61 -10.08
C ARG B 153 18.85 9.83 -11.36
N ALA B 154 19.20 10.41 -12.51
CA ALA B 154 19.17 9.74 -13.81
C ALA B 154 20.64 9.55 -14.18
N ILE B 155 21.18 8.38 -13.85
CA ILE B 155 22.63 8.22 -13.76
C ILE B 155 23.28 8.11 -15.13
N TYR B 156 22.53 7.54 -16.18
CA TYR B 156 23.28 7.27 -17.40
C TYR B 156 23.21 8.46 -18.36
N PRO B 157 24.23 8.65 -19.20
CA PRO B 157 24.15 9.70 -20.20
C PRO B 157 22.93 9.45 -21.08
N GLY B 158 22.19 10.52 -21.34
CA GLY B 158 21.01 10.48 -22.18
C GLY B 158 19.77 9.91 -21.53
N GLN B 159 19.84 9.47 -20.28
CA GLN B 159 18.68 8.86 -19.62
C GLN B 159 17.75 9.91 -19.04
N VAL B 160 16.46 9.83 -19.38
CA VAL B 160 15.44 10.64 -18.73
C VAL B 160 14.51 9.75 -17.89
N LEU B 161 13.93 10.37 -16.86
CA LEU B 161 12.86 9.75 -16.08
C LEU B 161 11.62 10.64 -16.18
N GLY B 162 10.49 10.15 -15.67
CA GLY B 162 9.32 11.02 -15.67
C GLY B 162 9.47 12.25 -14.80
N CYS B 163 10.48 12.25 -13.92
CA CYS B 163 10.73 13.30 -12.96
C CYS B 163 12.09 13.92 -13.17
N ASN B 164 12.76 13.64 -14.29
CA ASN B 164 14.13 14.15 -14.44
C ASN B 164 14.48 14.32 -15.91
N PHE B 165 14.69 15.56 -16.32
CA PHE B 165 15.06 15.84 -17.69
C PHE B 165 16.44 16.46 -17.80
N THR B 166 17.30 16.23 -16.79
CA THR B 166 18.67 16.77 -16.80
C THR B 166 19.44 16.41 -18.07
N ALA B 167 19.24 15.18 -18.59
CA ALA B 167 19.98 14.75 -19.77
C ALA B 167 19.56 15.49 -21.03
N ALA B 168 18.43 16.21 -20.99
CA ALA B 168 18.00 17.02 -22.12
C ALA B 168 18.48 18.46 -22.03
N ARG B 169 19.18 18.83 -20.97
N ARG B 169 19.20 18.84 -20.97
CA ARG B 169 19.77 20.16 -20.83
CA ARG B 169 19.73 20.20 -20.87
C ARG B 169 21.15 20.10 -21.47
C ARG B 169 21.13 20.18 -21.47
N VAL B 170 21.18 20.37 -22.78
CA VAL B 170 22.41 20.23 -23.55
C VAL B 170 22.27 21.11 -24.79
N ASP B 171 23.40 21.55 -25.34
CA ASP B 171 23.40 22.46 -26.47
C ASP B 171 23.03 21.67 -27.73
N CYS B 172 21.77 21.76 -28.14
CA CYS B 172 21.29 21.17 -29.39
C CYS B 172 20.06 21.94 -29.83
N GLU B 173 19.64 21.71 -31.07
CA GLU B 173 18.46 22.39 -31.61
C GLU B 173 17.20 21.54 -31.53
N GLU B 174 17.34 20.22 -31.64
CA GLU B 174 16.23 19.27 -31.74
C GLU B 174 16.63 17.99 -31.04
N PHE B 175 15.64 17.20 -30.62
CA PHE B 175 15.90 15.93 -29.94
C PHE B 175 15.30 14.76 -30.70
N ILE B 176 15.95 13.61 -30.59
CA ILE B 176 15.33 12.33 -30.89
C ILE B 176 15.21 11.57 -29.57
N TYR B 177 14.00 11.23 -29.19
CA TYR B 177 13.76 10.36 -28.04
C TYR B 177 13.56 8.95 -28.58
N ILE B 178 14.27 7.98 -28.01
CA ILE B 178 14.12 6.58 -28.42
C ILE B 178 13.36 5.85 -27.33
N GLY B 179 12.20 5.31 -27.69
CA GLY B 179 11.43 4.50 -26.76
C GLY B 179 9.95 4.55 -27.08
N SER B 180 9.18 3.91 -26.23
CA SER B 180 7.74 3.87 -26.41
C SER B 180 7.10 4.89 -25.48
N GLY B 181 5.83 5.16 -25.74
CA GLY B 181 5.11 6.10 -24.92
C GLY B 181 5.51 7.53 -25.22
N ILE B 182 4.66 8.47 -24.84
CA ILE B 182 4.88 9.86 -25.22
C ILE B 182 5.14 10.78 -24.04
N PHE B 183 5.03 10.30 -22.80
CA PHE B 183 5.20 11.24 -21.68
C PHE B 183 6.60 11.80 -21.64
N HIS B 184 7.62 10.93 -21.74
N HIS B 184 7.61 10.93 -21.73
CA HIS B 184 9.00 11.40 -21.67
CA HIS B 184 9.00 11.41 -21.68
C HIS B 184 9.32 12.41 -22.78
C HIS B 184 9.31 12.41 -22.78
N PRO B 185 9.02 12.15 -24.06
CA PRO B 185 9.33 13.17 -25.08
C PRO B 185 8.50 14.44 -24.91
N LEU B 186 7.26 14.34 -24.43
CA LEU B 186 6.51 15.55 -24.08
C LEU B 186 7.22 16.33 -23.00
N GLY B 187 7.69 15.62 -21.95
CA GLY B 187 8.38 16.29 -20.88
C GLY B 187 9.60 17.03 -21.38
N VAL B 188 10.37 16.39 -22.27
CA VAL B 188 11.54 17.04 -22.86
C VAL B 188 11.13 18.27 -23.66
N ALA B 189 10.08 18.15 -24.47
CA ALA B 189 9.60 19.29 -25.25
C ALA B 189 9.18 20.46 -24.37
N ILE B 190 8.50 20.17 -23.26
CA ILE B 190 8.08 21.26 -22.37
C ILE B 190 9.27 21.84 -21.63
N ALA B 191 10.17 20.98 -21.14
CA ALA B 191 11.28 21.42 -20.31
C ALA B 191 12.29 22.26 -21.11
N THR B 192 12.47 21.93 -22.40
CA THR B 192 13.49 22.59 -23.21
C THR B 192 12.93 23.60 -24.20
N LYS B 193 11.63 23.52 -24.49
CA LYS B 193 11.01 24.30 -25.56
C LYS B 193 11.64 24.01 -26.90
N LYS B 194 12.15 22.78 -27.09
CA LYS B 194 12.75 22.37 -28.35
C LYS B 194 11.89 21.29 -29.02
N ARG B 195 12.03 21.17 -30.33
CA ARG B 195 11.29 20.15 -31.07
C ARG B 195 11.82 18.76 -30.72
N VAL B 196 10.91 17.82 -30.52
CA VAL B 196 11.27 16.46 -30.12
C VAL B 196 10.63 15.47 -31.08
N ILE B 197 11.44 14.58 -31.66
CA ILE B 197 10.95 13.48 -32.48
C ILE B 197 10.99 12.21 -31.63
N ALA B 198 9.86 11.53 -31.52
CA ALA B 198 9.80 10.30 -30.72
C ALA B 198 9.89 9.12 -31.68
N ALA B 199 10.86 8.24 -31.43
CA ALA B 199 11.15 7.11 -32.32
C ALA B 199 10.94 5.83 -31.54
N ASP B 200 9.92 5.06 -31.92
CA ASP B 200 9.60 3.83 -31.19
C ASP B 200 10.32 2.68 -31.86
N PRO B 201 11.27 2.02 -31.18
CA PRO B 201 12.05 0.96 -31.85
C PRO B 201 11.31 -0.35 -32.03
N PHE B 202 10.27 -0.59 -31.22
CA PHE B 202 9.51 -1.82 -31.35
C PHE B 202 8.57 -1.75 -32.56
N LEU B 203 7.92 -0.61 -32.76
CA LEU B 203 7.07 -0.38 -33.92
C LEU B 203 7.84 0.16 -35.12
N ASN B 204 9.08 0.59 -34.93
CA ASN B 204 9.88 1.26 -35.95
C ASN B 204 9.09 2.37 -36.65
N GLN B 205 8.78 3.40 -35.86
CA GLN B 205 8.16 4.58 -36.43
C GLN B 205 8.61 5.80 -35.64
N ALA B 206 8.47 6.97 -36.27
CA ALA B 206 8.84 8.23 -35.64
C ALA B 206 7.75 9.27 -35.87
N VAL B 207 7.44 10.04 -34.83
CA VAL B 207 6.46 11.12 -34.90
C VAL B 207 6.94 12.30 -34.07
N GLU B 208 6.59 13.49 -34.55
CA GLU B 208 6.78 14.71 -33.77
C GLU B 208 5.80 14.73 -32.59
N VAL B 209 6.28 15.09 -31.41
CA VAL B 209 5.37 15.26 -30.28
C VAL B 209 4.98 16.72 -30.19
N SER B 210 3.73 16.95 -29.82
CA SER B 210 3.22 18.30 -29.67
C SER B 210 2.73 18.40 -28.24
N PRO B 211 3.31 19.28 -27.43
CA PRO B 211 2.83 19.45 -26.06
C PRO B 211 1.53 20.26 -25.96
N GLU B 212 0.96 20.66 -27.09
CA GLU B 212 -0.22 21.52 -27.08
C GLU B 212 -1.39 20.85 -26.36
N ARG B 213 -1.72 19.62 -26.76
CA ARG B 213 -2.83 18.93 -26.11
C ARG B 213 -2.53 18.70 -24.63
N PHE B 214 -1.28 18.34 -24.31
CA PHE B 214 -0.90 18.10 -22.93
C PHE B 214 -1.08 19.34 -22.06
N LEU B 215 -0.56 20.48 -22.51
CA LEU B 215 -0.71 21.70 -21.73
C LEU B 215 -2.16 22.12 -21.62
N ARG B 216 -2.95 21.91 -22.69
CA ARG B 216 -4.38 22.22 -22.64
C ARG B 216 -5.10 21.37 -21.59
N LYS B 217 -4.76 20.09 -21.52
CA LYS B 217 -5.35 19.23 -20.49
C LYS B 217 -4.98 19.72 -19.08
N ARG B 218 -3.71 20.05 -18.85
CA ARG B 218 -3.31 20.56 -17.54
C ARG B 218 -4.04 21.85 -17.22
N GLY B 219 -4.24 22.70 -18.24
CA GLY B 219 -5.01 23.93 -18.02
C GLY B 219 -6.39 23.67 -17.45
N GLY B 220 -7.04 22.59 -17.89
CA GLY B 220 -8.36 22.27 -17.36
C GLY B 220 -8.36 21.96 -15.87
N TYR B 221 -7.31 21.27 -15.38
CA TYR B 221 -7.25 20.96 -13.94
C TYR B 221 -6.90 22.21 -13.13
N ILE B 222 -5.99 23.05 -13.65
CA ILE B 222 -5.73 24.35 -13.03
C ILE B 222 -7.03 25.15 -12.89
N ALA B 223 -7.86 25.15 -13.94
CA ALA B 223 -9.08 25.94 -13.90
C ALA B 223 -10.01 25.44 -12.80
N LYS B 224 -10.15 24.13 -12.66
CA LYS B 224 -11.06 23.61 -11.65
C LYS B 224 -10.56 23.96 -10.25
N ALA B 225 -9.27 23.81 -10.00
CA ALA B 225 -8.67 24.08 -8.69
C ALA B 225 -8.60 25.56 -8.34
N THR B 226 -8.84 26.45 -9.30
CA THR B 226 -8.73 27.89 -9.04
C THR B 226 -9.68 28.34 -7.93
N GLY B 227 -10.83 27.68 -7.81
CA GLY B 227 -11.84 27.98 -6.81
C GLY B 227 -11.73 27.20 -5.52
N ALA B 228 -10.73 26.31 -5.41
CA ALA B 228 -10.54 25.52 -4.20
C ALA B 228 -10.16 26.42 -3.02
N LYS B 229 -10.73 26.12 -1.86
CA LYS B 229 -10.37 26.83 -0.63
C LYS B 229 -9.41 26.04 0.24
N ILE B 230 -9.56 24.72 0.26
CA ILE B 230 -8.83 23.82 1.15
C ILE B 230 -8.11 22.78 0.30
N PHE B 231 -6.80 22.68 0.48
CA PHE B 231 -5.96 21.76 -0.28
C PHE B 231 -5.38 20.68 0.63
N GLY B 232 -5.30 19.47 0.10
CA GLY B 232 -4.46 18.44 0.69
C GLY B 232 -3.12 18.46 0.00
N ILE B 233 -2.05 18.52 0.80
CA ILE B 233 -0.70 18.53 0.24
C ILE B 233 -0.11 17.13 0.46
N ILE B 234 0.08 16.36 -0.64
CA ILE B 234 0.44 14.94 -0.57
C ILE B 234 1.95 14.79 -0.48
N VAL B 235 2.43 14.01 0.51
CA VAL B 235 3.84 13.62 0.67
C VAL B 235 3.88 12.10 0.70
N SER B 236 4.83 11.50 -0.02
CA SER B 236 5.00 10.05 0.01
C SER B 236 6.22 9.68 0.84
N THR B 237 6.11 8.57 1.59
CA THR B 237 7.24 8.03 2.34
C THR B 237 8.18 7.17 1.46
N LYS B 238 7.88 6.99 0.19
CA LYS B 238 8.74 6.15 -0.66
C LYS B 238 10.16 6.73 -0.67
N SER B 239 11.14 5.81 -0.82
CA SER B 239 12.52 6.13 -0.54
C SER B 239 13.03 7.32 -1.35
N GLY B 240 12.59 7.42 -2.60
CA GLY B 240 13.03 8.46 -3.52
C GLY B 240 11.96 9.45 -3.91
N GLN B 241 10.86 9.54 -3.17
CA GLN B 241 9.76 10.43 -3.51
C GLN B 241 9.40 11.39 -2.40
N TYR B 242 10.13 11.37 -1.30
CA TYR B 242 9.78 12.15 -0.12
C TYR B 242 10.21 13.61 -0.29
N ARG B 243 9.26 14.53 -0.27
CA ARG B 243 9.54 15.96 -0.38
C ARG B 243 8.76 16.74 0.66
N MET B 244 9.03 16.41 1.94
CA MET B 244 8.31 17.08 3.03
C MET B 244 8.69 18.57 3.10
N LYS B 245 9.96 18.93 2.84
CA LYS B 245 10.31 20.34 2.98
C LYS B 245 9.59 21.19 1.93
N LEU B 246 9.49 20.67 0.71
CA LEU B 246 8.66 21.33 -0.31
C LEU B 246 7.21 21.43 0.16
N ALA B 247 6.67 20.35 0.70
CA ALA B 247 5.28 20.36 1.15
C ALA B 247 5.04 21.44 2.19
N GLN B 248 6.02 21.63 3.10
CA GLN B 248 5.88 22.64 4.15
C GLN B 248 5.97 24.05 3.58
N LYS B 249 6.80 24.24 2.54
CA LYS B 249 6.84 25.51 1.85
C LYS B 249 5.52 25.81 1.15
N LEU B 250 4.95 24.80 0.49
CA LEU B 250 3.69 25.02 -0.21
C LEU B 250 2.57 25.37 0.75
N LYS B 251 2.57 24.76 1.93
CA LYS B 251 1.58 25.10 2.94
C LYS B 251 1.70 26.57 3.33
N GLU B 252 2.93 27.04 3.50
CA GLU B 252 3.13 28.44 3.87
C GLU B 252 2.70 29.37 2.76
N ILE B 253 2.98 29.02 1.50
CA ILE B 253 2.58 29.90 0.41
C ILE B 253 1.06 29.93 0.27
N ALA B 254 0.40 28.79 0.47
CA ALA B 254 -1.06 28.75 0.51
C ALA B 254 -1.62 29.75 1.52
N ASP B 255 -1.10 29.71 2.76
CA ASP B 255 -1.57 30.64 3.78
C ASP B 255 -1.25 32.09 3.39
N LYS B 256 -0.09 32.32 2.82
CA LYS B 256 0.25 33.66 2.32
C LYS B 256 -0.83 34.20 1.40
N HIS B 257 -1.45 33.32 0.60
CA HIS B 257 -2.43 33.72 -0.42
C HIS B 257 -3.87 33.46 0.00
N GLY B 258 -4.13 33.39 1.31
CA GLY B 258 -5.50 33.28 1.78
C GLY B 258 -6.15 31.97 1.46
N LYS B 259 -5.37 30.88 1.39
CA LYS B 259 -5.88 29.53 1.23
C LYS B 259 -5.36 28.69 2.40
N ILE B 260 -5.75 27.43 2.45
CA ILE B 260 -5.32 26.52 3.51
C ILE B 260 -4.87 25.20 2.90
N GLY B 261 -3.73 24.70 3.35
CA GLY B 261 -3.27 23.37 2.96
C GLY B 261 -2.92 22.53 4.17
N TYR B 262 -3.29 21.26 4.10
CA TYR B 262 -3.01 20.28 5.15
C TYR B 262 -2.11 19.19 4.60
N ILE B 263 -1.05 18.89 5.34
CA ILE B 263 -0.08 17.91 4.87
C ILE B 263 -0.61 16.51 5.14
N ILE B 264 -0.58 15.66 4.12
CA ILE B 264 -1.06 14.28 4.20
C ILE B 264 0.08 13.38 3.77
N LEU B 265 0.53 12.52 4.68
CA LEU B 265 1.70 11.65 4.45
C LEU B 265 1.22 10.23 4.22
N MET B 266 1.67 9.62 3.11
CA MET B 266 1.19 8.29 2.74
C MET B 266 2.28 7.57 1.95
N ASP B 267 2.09 6.27 1.72
CA ASP B 267 3.00 5.48 0.91
C ASP B 267 2.53 5.52 -0.55
N LEU B 268 1.53 4.70 -0.87
CA LEU B 268 0.84 4.76 -2.16
C LEU B 268 -0.08 5.96 -2.22
N VAL B 269 -0.16 6.58 -3.39
CA VAL B 269 -1.07 7.70 -3.63
C VAL B 269 -2.13 7.21 -4.62
N THR B 270 -3.35 7.03 -4.17
CA THR B 270 -4.41 6.48 -5.00
C THR B 270 -5.68 7.33 -4.95
N PRO B 271 -6.52 7.25 -5.98
CA PRO B 271 -7.79 7.98 -5.93
C PRO B 271 -8.66 7.63 -4.73
N GLU B 272 -8.69 6.36 -4.34
CA GLU B 272 -9.52 5.96 -3.21
C GLU B 272 -9.04 6.62 -1.92
N GLN B 273 -7.73 6.76 -1.75
CA GLN B 273 -7.22 7.37 -0.52
C GLN B 273 -7.51 8.87 -0.49
N LEU B 274 -7.46 9.55 -1.62
CA LEU B 274 -7.78 10.97 -1.59
C LEU B 274 -9.28 11.24 -1.43
N LEU B 275 -10.13 10.38 -2.01
CA LEU B 275 -11.56 10.53 -1.83
C LEU B 275 -11.96 10.58 -0.36
N ALA B 276 -11.22 9.85 0.50
CA ALA B 276 -11.58 9.73 1.90
C ALA B 276 -11.48 11.05 2.64
N PHE B 277 -10.64 11.96 2.16
CA PHE B 277 -10.42 13.25 2.80
C PHE B 277 -11.28 14.33 2.15
N LYS B 278 -11.68 15.32 2.93
CA LYS B 278 -12.63 16.31 2.41
C LYS B 278 -11.94 17.58 1.94
N ALA B 279 -10.93 17.43 1.08
CA ALA B 279 -10.27 18.61 0.52
C ALA B 279 -10.94 18.96 -0.81
N ASP B 280 -10.86 20.24 -1.16
CA ASP B 280 -11.35 20.71 -2.45
C ASP B 280 -10.44 20.27 -3.60
N ALA B 281 -9.13 20.17 -3.36
CA ALA B 281 -8.14 19.87 -4.39
C ALA B 281 -6.88 19.43 -3.68
N TYR B 282 -5.93 18.90 -4.45
CA TYR B 282 -4.72 18.31 -3.89
C TYR B 282 -3.50 18.81 -4.65
N VAL B 283 -2.38 18.88 -3.94
CA VAL B 283 -1.10 19.21 -4.55
C VAL B 283 -0.19 18.02 -4.27
N ASN B 284 0.38 17.44 -5.32
CA ASN B 284 1.12 16.19 -5.20
C ASN B 284 2.63 16.47 -5.20
N THR B 285 3.30 16.19 -4.06
CA THR B 285 4.76 16.29 -4.03
C THR B 285 5.45 14.92 -4.18
N ALA B 286 4.69 13.85 -4.38
CA ALA B 286 5.28 12.52 -4.65
C ALA B 286 5.57 12.41 -6.14
N CYS B 287 5.58 11.20 -6.68
CA CYS B 287 5.91 10.97 -8.09
C CYS B 287 5.10 11.88 -9.00
N PRO B 288 5.73 12.72 -9.83
CA PRO B 288 4.95 13.61 -10.68
C PRO B 288 4.16 12.89 -11.76
N ARG B 289 4.50 11.66 -12.13
CA ARG B 289 3.67 10.94 -13.09
C ARG B 289 2.30 10.55 -12.51
N ILE B 290 2.19 10.43 -11.18
CA ILE B 290 0.86 10.23 -10.58
C ILE B 290 -0.07 11.34 -11.05
N THR B 291 0.42 12.57 -11.02
CA THR B 291 -0.40 13.73 -11.34
C THR B 291 -0.98 13.64 -12.74
N ILE B 292 -0.16 13.20 -13.69
CA ILE B 292 -0.60 13.11 -15.08
C ILE B 292 -1.36 11.82 -15.34
N ASP B 293 -0.76 10.67 -14.99
CA ASP B 293 -1.32 9.38 -15.38
C ASP B 293 -2.72 9.18 -14.82
N ASP B 294 -2.93 9.51 -13.54
CA ASP B 294 -4.20 9.20 -12.89
C ASP B 294 -5.15 10.39 -12.84
N ALA B 295 -4.85 11.46 -13.57
CA ALA B 295 -5.65 12.69 -13.47
C ALA B 295 -7.14 12.41 -13.63
N GLU B 296 -7.50 11.59 -14.63
CA GLU B 296 -8.91 11.40 -14.93
C GLU B 296 -9.64 10.59 -13.86
N ARG B 297 -8.91 9.78 -13.10
N ARG B 297 -8.90 9.79 -13.09
CA ARG B 297 -9.51 8.92 -12.09
CA ARG B 297 -9.49 8.92 -12.08
C ARG B 297 -9.63 9.59 -10.72
C ARG B 297 -9.61 9.58 -10.73
N PHE B 298 -8.85 10.64 -10.47
CA PHE B 298 -9.01 11.37 -9.21
C PHE B 298 -10.35 12.07 -9.19
N HIS B 299 -10.91 12.17 -7.99
N HIS B 299 -10.96 12.14 -8.00
CA HIS B 299 -12.23 12.73 -7.79
CA HIS B 299 -12.24 12.81 -7.88
C HIS B 299 -12.18 14.22 -7.39
C HIS B 299 -12.10 14.33 -7.93
N ALA B 300 -10.99 14.83 -7.43
CA ALA B 300 -10.78 16.27 -7.29
C ALA B 300 -9.50 16.60 -8.05
N PRO B 301 -9.26 17.88 -8.40
CA PRO B 301 -8.04 18.20 -9.14
C PRO B 301 -6.79 17.87 -8.33
N VAL B 302 -5.81 17.30 -8.99
CA VAL B 302 -4.49 17.07 -8.39
C VAL B 302 -3.46 17.81 -9.21
N LEU B 303 -2.72 18.71 -8.54
CA LEU B 303 -1.82 19.66 -9.17
C LEU B 303 -0.38 19.30 -8.85
N THR B 304 0.52 19.63 -9.78
CA THR B 304 1.94 19.65 -9.48
C THR B 304 2.25 20.87 -8.60
N PRO B 305 3.43 20.90 -7.96
CA PRO B 305 3.80 22.10 -7.18
C PRO B 305 3.79 23.38 -8.00
N GLN B 306 4.28 23.32 -9.24
CA GLN B 306 4.28 24.51 -10.09
C GLN B 306 2.87 24.94 -10.48
N GLU B 307 1.98 23.98 -10.73
CA GLU B 307 0.60 24.34 -11.05
C GLU B 307 -0.09 24.96 -9.85
N PHE B 308 0.22 24.45 -8.66
CA PHE B 308 -0.29 25.07 -7.43
C PHE B 308 0.13 26.53 -7.34
N GLU B 309 1.41 26.82 -7.64
CA GLU B 309 1.88 28.20 -7.68
C GLU B 309 1.06 29.04 -8.64
N ILE B 310 0.68 28.47 -9.79
CA ILE B 310 -0.16 29.20 -10.73
C ILE B 310 -1.50 29.54 -10.11
N VAL B 311 -2.14 28.56 -9.44
CA VAL B 311 -3.44 28.77 -8.83
C VAL B 311 -3.37 29.85 -7.76
N LEU B 312 -2.31 29.84 -6.96
CA LEU B 312 -2.18 30.80 -5.87
C LEU B 312 -1.77 32.19 -6.34
N GLY B 313 -1.30 32.33 -7.58
CA GLY B 313 -0.80 33.60 -8.07
C GLY B 313 0.68 33.84 -7.89
N GLU B 314 1.48 32.78 -7.79
CA GLU B 314 2.94 32.88 -7.66
C GLU B 314 3.68 32.51 -8.95
N ARG B 315 2.97 32.07 -9.98
CA ARG B 315 3.59 31.68 -11.23
C ARG B 315 2.65 32.08 -12.36
N ARG B 316 3.22 32.59 -13.46
CA ARG B 316 2.42 32.93 -14.62
C ARG B 316 1.89 31.68 -15.31
N TRP B 317 0.60 31.72 -15.69
CA TRP B 317 -0.06 30.54 -16.26
C TRP B 317 0.61 30.05 -17.54
N GLU B 318 1.26 30.95 -18.28
CA GLU B 318 2.04 30.56 -19.44
C GLU B 318 3.39 29.97 -19.09
N ASN B 319 3.83 30.12 -17.83
CA ASN B 319 5.16 29.68 -17.41
C ASN B 319 5.13 28.24 -16.88
N MET B 320 4.45 27.35 -17.62
CA MET B 320 4.39 25.94 -17.23
C MET B 320 5.78 25.30 -17.28
N GLU B 321 6.09 24.51 -16.26
CA GLU B 321 7.32 23.75 -16.20
C GLU B 321 6.98 22.33 -15.77
N MET B 322 7.88 21.41 -16.10
CA MET B 322 7.74 20.04 -15.64
C MET B 322 8.14 19.92 -14.18
N ASP B 323 7.41 19.11 -13.42
CA ASP B 323 7.74 18.85 -12.02
C ASP B 323 8.90 17.85 -11.97
N GLU B 324 10.07 18.31 -11.54
CA GLU B 324 11.25 17.46 -11.49
C GLU B 324 11.70 17.22 -10.06
N MET B 325 12.16 16.01 -9.80
N MET B 325 12.19 16.03 -9.79
CA MET B 325 12.81 15.67 -8.53
CA MET B 325 12.80 15.71 -8.51
C MET B 325 14.31 15.90 -8.72
C MET B 325 14.31 15.86 -8.64
N ILE B 326 14.83 16.93 -8.07
CA ILE B 326 16.24 17.24 -8.17
C ILE B 326 16.79 17.52 -6.77
#